data_3PVY
#
_entry.id   3PVY
#
_cell.length_a   77.471
_cell.length_b   77.471
_cell.length_c   301.047
_cell.angle_alpha   90.00
_cell.angle_beta   90.00
_cell.angle_gamma   90.00
#
_symmetry.space_group_name_H-M   'P 41 21 2'
#
loop_
_entity.id
_entity.type
_entity.pdbx_description
1 polymer 'Phenylacetic acid degradation protein paaA'
2 polymer 'Phenylacetic acid degradation protein paaC'
3 non-polymer 'COENZYME A'
4 non-polymer GLYCEROL
5 water water
#
loop_
_entity_poly.entity_id
_entity_poly.type
_entity_poly.pdbx_seq_one_letter_code
_entity_poly.pdbx_strand_id
1 'polypeptide(L)'
;MRSTQEERFEQRIAQETAIEPQDWMPDAYRKTLIRQIGQHAHSEIVGMLPEGNWITRAPTLRRKAILLAKVQDEAGHGLY
LYSAAETLGCAREDIYQKMLDGRMKYSSIFNYPTLSWADIGVIGWLVDGAAIVNQVALCRTSYGPYARAMVKICKEESFH
QRQGFEACMALAQGSEAQKQMLQDAINRFWWPALMMFGPNDDNSPNSARSLTWKIKRFTNDELRQRFVDNTVPQVEMLGM
TVPDPDLHFDTESGHYRFGEIDWQEFNEVINGRGICNQERLDAKRKAWEEGTWVREAALAHAQKQHARKVA
;
A
2 'polypeptide(L)'
;MGSSHHHHHHGSNQLTAYTLRLGDNCLVLSQRLGEWCGHAPELEIDLALANIGLDLLGQARNFLSYAAELAGEGDEDTLA
FTRDERQFSNLLLVEQPNGNFADTIARQYFIDAWHVALFTRLMESRDPQLAAISAKAIKEARYHLRFSRGWLERLGNGTD
VSGQKMQQAINKLWRFTAELFDADEIDIALSEEGIAVDPRTLRAAWEAEVFAGINEATLNVPQEQAYRTGGKKGLHTEHL
GPMLAEMQYLQRVLPGQQW
;
B,C
#
loop_
_chem_comp.id
_chem_comp.type
_chem_comp.name
_chem_comp.formula
COA non-polymer 'COENZYME A' 'C21 H36 N7 O16 P3 S'
GOL non-polymer GLYCEROL 'C3 H8 O3'
#
# COMPACT_ATOMS: atom_id res chain seq x y z
N MET A 1 51.00 -4.76 0.45
CA MET A 1 50.34 -5.12 1.74
C MET A 1 49.22 -4.15 2.10
N ARG A 2 48.02 -4.69 2.32
CA ARG A 2 46.93 -3.94 2.93
C ARG A 2 47.41 -3.39 4.27
N SER A 3 46.87 -2.24 4.67
CA SER A 3 47.04 -1.75 6.04
C SER A 3 46.25 -2.65 6.99
N THR A 4 46.51 -2.52 8.29
CA THR A 4 45.78 -3.29 9.29
C THR A 4 44.30 -2.92 9.30
N GLN A 5 44.00 -1.64 9.10
CA GLN A 5 42.64 -1.17 8.91
C GLN A 5 41.96 -1.85 7.71
N GLU A 6 42.67 -1.85 6.58
CA GLU A 6 42.16 -2.46 5.34
C GLU A 6 41.91 -3.95 5.53
N GLU A 7 42.90 -4.62 6.13
CA GLU A 7 42.81 -6.06 6.37
C GLU A 7 41.66 -6.43 7.31
N ARG A 8 41.54 -5.71 8.43
CA ARG A 8 40.45 -5.95 9.37
C ARG A 8 39.09 -5.81 8.69
N PHE A 9 38.94 -4.79 7.84
CA PHE A 9 37.71 -4.61 7.09
C PHE A 9 37.37 -5.84 6.24
N GLU A 10 38.33 -6.31 5.45
CA GLU A 10 38.11 -7.46 4.59
C GLU A 10 37.63 -8.67 5.41
N GLN A 11 38.27 -8.89 6.55
CA GLN A 11 37.90 -9.98 7.45
C GLN A 11 36.46 -9.82 8.00
N ARG A 12 36.08 -8.59 8.34
CA ARG A 12 34.72 -8.32 8.81
C ARG A 12 33.68 -8.64 7.72
N ILE A 13 33.99 -8.25 6.48
CA ILE A 13 33.14 -8.54 5.33
C ILE A 13 33.00 -10.06 5.16
N ALA A 14 34.13 -10.77 5.19
CA ALA A 14 34.14 -12.22 5.01
C ALA A 14 33.30 -12.97 6.07
N GLN A 15 33.28 -12.44 7.30
CA GLN A 15 32.55 -13.10 8.40
C GLN A 15 31.08 -12.65 8.52
N GLU A 16 30.63 -11.83 7.56
CA GLU A 16 29.25 -11.31 7.52
C GLU A 16 28.91 -10.43 8.73
N THR A 17 29.90 -9.73 9.26
CA THR A 17 29.65 -8.73 10.28
C THR A 17 29.15 -7.48 9.58
N ALA A 18 27.95 -7.03 9.92
CA ALA A 18 27.39 -5.80 9.34
C ALA A 18 28.25 -4.59 9.68
N ILE A 19 28.55 -3.78 8.65
CA ILE A 19 29.29 -2.53 8.84
C ILE A 19 28.32 -1.46 9.36
N GLU A 20 28.73 -0.74 10.39
CA GLU A 20 27.89 0.28 11.03
C GLU A 20 28.51 1.66 10.83
N PRO A 21 27.75 2.74 11.08
CA PRO A 21 28.26 4.05 10.65
C PRO A 21 29.56 4.50 11.33
N GLN A 22 29.91 3.91 12.46
CA GLN A 22 31.11 4.30 13.22
C GLN A 22 32.36 3.49 12.88
N ASP A 23 32.17 2.40 12.16
CA ASP A 23 33.26 1.51 11.77
C ASP A 23 34.11 2.13 10.67
N TRP A 24 35.39 1.81 10.67
CA TRP A 24 36.25 2.20 9.56
C TRP A 24 35.76 1.49 8.30
N MET A 25 35.82 2.20 7.18
CA MET A 25 35.53 1.61 5.90
C MET A 25 36.44 2.23 4.85
N PRO A 26 36.78 1.46 3.78
CA PRO A 26 37.53 2.01 2.67
C PRO A 26 36.79 3.20 2.13
N ASP A 27 37.53 4.25 1.76
CA ASP A 27 36.89 5.45 1.26
C ASP A 27 36.05 5.17 0.00
N ALA A 28 36.52 4.26 -0.85
CA ALA A 28 35.76 3.88 -2.04
C ALA A 28 34.48 3.10 -1.69
N TYR A 29 34.48 2.41 -0.55
CA TYR A 29 33.29 1.71 -0.03
C TYR A 29 32.25 2.74 0.44
N ARG A 30 32.70 3.72 1.22
CA ARG A 30 31.85 4.83 1.67
C ARG A 30 31.23 5.56 0.50
N LYS A 31 32.06 5.88 -0.49
CA LYS A 31 31.62 6.67 -1.63
C LYS A 31 30.68 5.91 -2.56
N THR A 32 30.94 4.62 -2.78
CA THR A 32 30.04 3.84 -3.63
C THR A 32 28.68 3.61 -2.98
N LEU A 33 28.63 3.55 -1.65
CA LEU A 33 27.36 3.46 -0.94
C LEU A 33 26.57 4.78 -0.93
N ILE A 34 27.28 5.90 -0.81
CA ILE A 34 26.66 7.23 -0.93
C ILE A 34 26.05 7.32 -2.32
N ARG A 35 26.84 6.93 -3.32
CA ARG A 35 26.37 6.84 -4.69
C ARG A 35 25.12 5.95 -4.77
N GLN A 36 25.21 4.70 -4.30
CA GLN A 36 24.11 3.75 -4.49
C GLN A 36 22.87 4.02 -3.63
N ILE A 37 23.04 4.23 -2.33
CA ILE A 37 21.90 4.54 -1.45
C ILE A 37 21.21 5.87 -1.85
N GLY A 38 22.02 6.89 -2.14
CA GLY A 38 21.52 8.19 -2.58
C GLY A 38 20.70 8.12 -3.86
N GLN A 39 21.20 7.40 -4.85
CA GLN A 39 20.48 7.21 -6.12
C GLN A 39 19.25 6.30 -5.97
N HIS A 40 19.32 5.36 -5.04
CA HIS A 40 18.16 4.57 -4.62
C HIS A 40 17.08 5.51 -4.07
N ALA A 41 17.50 6.46 -3.23
CA ALA A 41 16.60 7.47 -2.65
C ALA A 41 16.06 8.44 -3.70
N HIS A 42 16.93 8.90 -4.60
CA HIS A 42 16.49 9.70 -5.75
C HIS A 42 15.39 8.98 -6.52
N SER A 43 15.58 7.68 -6.72
CA SER A 43 14.63 6.86 -7.49
C SER A 43 13.24 6.84 -6.87
N GLU A 44 13.16 6.74 -5.54
CA GLU A 44 11.86 6.81 -4.83
C GLU A 44 11.12 8.09 -5.13
N ILE A 45 11.86 9.21 -5.10
CA ILE A 45 11.31 10.54 -5.33
C ILE A 45 10.83 10.73 -6.76
N VAL A 46 11.69 10.43 -7.73
CA VAL A 46 11.35 10.62 -9.13
C VAL A 46 10.23 9.68 -9.55
N GLY A 47 10.21 8.46 -9.03
CA GLY A 47 9.16 7.49 -9.35
C GLY A 47 7.76 7.89 -8.93
N MET A 48 7.65 8.90 -8.08
CA MET A 48 6.33 9.42 -7.71
C MET A 48 5.64 10.09 -8.91
N LEU A 49 6.43 10.52 -9.89
CA LEU A 49 5.91 11.31 -11.03
C LEU A 49 5.15 10.51 -12.09
N PRO A 50 5.71 9.41 -12.61
CA PRO A 50 4.90 8.64 -13.56
C PRO A 50 3.59 8.12 -12.95
N GLU A 51 3.63 7.72 -11.68
CA GLU A 51 2.41 7.26 -10.99
C GLU A 51 1.47 8.40 -10.58
N GLY A 52 2.04 9.50 -10.09
CA GLY A 52 1.27 10.70 -9.76
C GLY A 52 0.50 11.25 -10.95
N ASN A 53 1.09 11.07 -12.14
CA ASN A 53 0.49 11.44 -13.41
C ASN A 53 -0.95 10.90 -13.58
N TRP A 54 -1.22 9.74 -12.98
CA TRP A 54 -2.55 9.12 -13.08
C TRP A 54 -3.42 9.18 -11.82
N ILE A 55 -2.93 9.80 -10.74
CA ILE A 55 -3.74 9.90 -9.51
C ILE A 55 -5.11 10.56 -9.73
N THR A 56 -5.14 11.63 -10.51
CA THR A 56 -6.40 12.34 -10.76
C THR A 56 -7.31 11.65 -11.79
N ARG A 57 -6.77 10.67 -12.52
CA ARG A 57 -7.50 10.02 -13.62
C ARG A 57 -7.86 8.56 -13.38
N ALA A 58 -7.43 8.01 -12.24
CA ALA A 58 -7.67 6.59 -11.92
C ALA A 58 -9.16 6.21 -12.03
N PRO A 59 -9.47 5.03 -12.61
CA PRO A 59 -10.86 4.72 -13.02
C PRO A 59 -11.88 4.47 -11.91
N THR A 60 -11.44 4.02 -10.74
CA THR A 60 -12.34 3.84 -9.60
C THR A 60 -11.74 4.47 -8.37
N LEU A 61 -12.59 4.74 -7.37
CA LEU A 61 -12.13 5.32 -6.10
C LEU A 61 -11.21 4.38 -5.32
N ARG A 62 -11.50 3.07 -5.37
CA ARG A 62 -10.63 2.05 -4.79
C ARG A 62 -9.22 2.06 -5.41
N ARG A 63 -9.13 2.04 -6.73
CA ARG A 63 -7.83 2.03 -7.38
C ARG A 63 -7.07 3.34 -7.16
N LYS A 64 -7.82 4.45 -7.14
CA LYS A 64 -7.30 5.76 -6.77
C LYS A 64 -6.74 5.78 -5.34
N ALA A 65 -7.48 5.24 -4.39
CA ALA A 65 -7.03 5.19 -3.00
C ALA A 65 -5.77 4.33 -2.86
N ILE A 66 -5.76 3.19 -3.53
CA ILE A 66 -4.61 2.30 -3.48
C ILE A 66 -3.36 3.02 -4.05
N LEU A 67 -3.55 3.76 -5.13
CA LEU A 67 -2.43 4.46 -5.77
C LEU A 67 -1.90 5.56 -4.86
N LEU A 68 -2.79 6.29 -4.21
CA LEU A 68 -2.38 7.32 -3.25
C LEU A 68 -1.59 6.74 -2.09
N ALA A 69 -2.06 5.61 -1.55
CA ALA A 69 -1.37 4.94 -0.45
C ALA A 69 0.03 4.51 -0.92
N LYS A 70 0.09 3.97 -2.12
CA LYS A 70 1.36 3.54 -2.70
C LYS A 70 2.35 4.72 -2.81
N VAL A 71 1.92 5.81 -3.44
CA VAL A 71 2.79 6.94 -3.67
C VAL A 71 3.22 7.60 -2.35
N GLN A 72 2.33 7.59 -1.38
CA GLN A 72 2.66 8.03 -0.04
C GLN A 72 3.80 7.19 0.57
N ASP A 73 3.75 5.88 0.35
CA ASP A 73 4.76 4.97 0.88
C ASP A 73 6.10 5.21 0.21
N GLU A 74 6.07 5.58 -1.07
CA GLU A 74 7.27 5.83 -1.85
C GLU A 74 8.02 7.06 -1.31
N ALA A 75 7.26 8.08 -0.93
CA ALA A 75 7.83 9.27 -0.32
C ALA A 75 8.53 8.88 0.98
N GLY A 76 7.86 8.06 1.78
CA GLY A 76 8.42 7.52 3.01
C GLY A 76 9.69 6.72 2.80
N HIS A 77 9.72 5.88 1.76
CA HIS A 77 10.91 5.10 1.44
C HIS A 77 12.08 5.99 1.02
N GLY A 78 11.79 7.04 0.25
CA GLY A 78 12.80 8.06 -0.09
C GLY A 78 13.45 8.61 1.17
N LEU A 79 12.61 8.92 2.16
CA LEU A 79 13.06 9.45 3.44
C LEU A 79 13.93 8.47 4.24
N TYR A 80 13.53 7.19 4.28
CA TYR A 80 14.35 6.15 4.92
C TYR A 80 15.71 6.09 4.25
N LEU A 81 15.73 6.07 2.92
CA LEU A 81 16.99 5.95 2.19
C LEU A 81 17.92 7.16 2.35
N TYR A 82 17.36 8.37 2.40
CA TYR A 82 18.19 9.54 2.68
C TYR A 82 18.81 9.48 4.08
N SER A 83 17.99 9.10 5.07
CA SER A 83 18.48 8.85 6.42
C SER A 83 19.66 7.91 6.43
N ALA A 84 19.49 6.77 5.76
CA ALA A 84 20.52 5.75 5.68
C ALA A 84 21.76 6.31 4.99
N ALA A 85 21.56 7.02 3.89
CA ALA A 85 22.65 7.62 3.14
C ALA A 85 23.44 8.60 3.99
N GLU A 86 22.74 9.38 4.81
CA GLU A 86 23.40 10.36 5.69
C GLU A 86 24.26 9.76 6.81
N THR A 87 24.04 8.49 7.17
CA THR A 87 24.90 7.87 8.20
C THR A 87 26.34 7.73 7.69
N LEU A 88 26.51 7.85 6.38
CA LEU A 88 27.82 7.77 5.74
C LEU A 88 28.51 9.13 5.64
N GLY A 89 27.86 10.17 6.16
CA GLY A 89 28.46 11.50 6.21
C GLY A 89 28.09 12.43 5.07
N CYS A 90 27.16 12.03 4.20
CA CYS A 90 26.69 12.95 3.17
C CYS A 90 25.51 13.75 3.70
N ALA A 91 25.10 14.77 2.95
CA ALA A 91 23.93 15.57 3.29
C ALA A 91 22.85 15.36 2.24
N ARG A 92 21.64 15.03 2.71
CA ARG A 92 20.46 14.89 1.86
C ARG A 92 20.34 16.04 0.85
N GLU A 93 20.43 17.27 1.36
CA GLU A 93 20.28 18.48 0.55
C GLU A 93 21.33 18.57 -0.56
N ASP A 94 22.56 18.15 -0.27
CA ASP A 94 23.62 18.15 -1.29
C ASP A 94 23.41 17.10 -2.39
N ILE A 95 23.12 15.86 -2.01
CA ILE A 95 22.92 14.82 -3.02
C ILE A 95 21.64 15.06 -3.85
N TYR A 96 20.61 15.61 -3.23
CA TYR A 96 19.39 15.99 -3.95
C TYR A 96 19.69 17.02 -5.04
N GLN A 97 20.46 18.06 -4.69
CA GLN A 97 20.93 19.04 -5.66
C GLN A 97 21.69 18.39 -6.84
N LYS A 98 22.55 17.41 -6.53
CA LYS A 98 23.28 16.69 -7.58
C LYS A 98 22.33 15.90 -8.50
N MET A 99 21.25 15.39 -7.94
CA MET A 99 20.22 14.76 -8.76
C MET A 99 19.59 15.81 -9.69
N LEU A 100 19.17 16.93 -9.11
CA LEU A 100 18.60 18.03 -9.87
C LEU A 100 19.51 18.53 -11.01
N ASP A 101 20.82 18.56 -10.75
CA ASP A 101 21.84 19.00 -11.74
C ASP A 101 22.26 17.91 -12.72
N GLY A 102 21.76 16.69 -12.53
CA GLY A 102 22.15 15.57 -13.38
C GLY A 102 23.50 14.97 -13.03
N ARG A 103 24.02 15.29 -11.84
CA ARG A 103 25.30 14.75 -11.38
C ARG A 103 25.16 13.40 -10.68
N MET A 104 23.95 13.08 -10.25
CA MET A 104 23.60 11.75 -9.77
C MET A 104 22.40 11.20 -10.56
N LYS A 105 22.28 9.88 -10.57
CA LYS A 105 21.23 9.18 -11.33
C LYS A 105 20.01 8.84 -10.47
N TYR A 106 18.95 8.41 -11.14
CA TYR A 106 17.82 7.73 -10.51
C TYR A 106 17.45 6.61 -11.49
N SER A 107 16.63 5.66 -11.04
CA SER A 107 16.31 4.50 -11.86
C SER A 107 15.81 4.86 -13.26
N SER A 108 16.45 4.26 -14.26
CA SER A 108 16.09 4.34 -15.66
C SER A 108 14.60 4.22 -15.97
N ILE A 109 13.91 3.36 -15.20
CA ILE A 109 12.50 3.03 -15.46
C ILE A 109 11.56 4.24 -15.34
N PHE A 110 11.97 5.24 -14.56
CA PHE A 110 11.10 6.40 -14.33
C PHE A 110 11.16 7.45 -15.44
N ASN A 111 11.95 7.16 -16.46
CA ASN A 111 11.99 8.01 -17.64
C ASN A 111 10.99 7.60 -18.72
N TYR A 112 10.10 6.67 -18.37
CA TYR A 112 9.13 6.17 -19.32
C TYR A 112 7.76 6.74 -18.96
N PRO A 113 6.97 7.14 -19.97
CA PRO A 113 5.71 7.84 -19.72
C PRO A 113 4.54 6.91 -19.43
N THR A 114 3.61 7.37 -18.59
CA THR A 114 2.38 6.63 -18.36
C THR A 114 1.30 7.08 -19.33
N LEU A 115 1.02 6.23 -20.31
CA LEU A 115 0.20 6.61 -21.45
C LEU A 115 -1.19 6.02 -21.35
N SER A 116 -1.44 5.26 -20.30
CA SER A 116 -2.74 4.66 -20.07
C SER A 116 -2.85 4.20 -18.61
N TRP A 117 -4.07 3.90 -18.17
CA TRP A 117 -4.25 3.39 -16.82
C TRP A 117 -3.52 2.04 -16.61
N ALA A 118 -3.53 1.18 -17.64
CA ALA A 118 -2.82 -0.09 -17.56
C ALA A 118 -1.34 0.07 -17.18
N ASP A 119 -0.71 1.16 -17.61
CA ASP A 119 0.68 1.46 -17.29
C ASP A 119 0.92 1.55 -15.78
N ILE A 120 -0.08 2.06 -15.07
CA ILE A 120 -0.03 2.15 -13.61
C ILE A 120 -0.09 0.77 -12.97
N GLY A 121 -0.94 -0.12 -13.49
CA GLY A 121 -0.99 -1.48 -12.93
C GLY A 121 0.30 -2.22 -13.25
N VAL A 122 0.82 -1.98 -14.44
CA VAL A 122 2.06 -2.64 -14.88
C VAL A 122 3.29 -2.14 -14.12
N ILE A 123 3.35 -0.84 -13.81
CA ILE A 123 4.40 -0.35 -12.93
C ILE A 123 4.29 -1.02 -11.54
N GLY A 124 3.09 -1.04 -10.98
CA GLY A 124 2.87 -1.71 -9.70
C GLY A 124 3.31 -3.18 -9.74
N TRP A 125 3.01 -3.88 -10.84
CA TRP A 125 3.28 -5.32 -10.92
C TRP A 125 4.70 -5.67 -11.40
N LEU A 126 5.05 -5.25 -12.61
CA LEU A 126 6.34 -5.55 -13.21
C LEU A 126 7.48 -4.73 -12.63
N VAL A 127 7.30 -3.41 -12.62
CA VAL A 127 8.35 -2.48 -12.19
C VAL A 127 8.67 -2.65 -10.70
N ASP A 128 7.65 -2.64 -9.83
CA ASP A 128 7.89 -2.89 -8.42
C ASP A 128 8.36 -4.32 -8.23
N GLY A 129 7.86 -5.24 -9.06
CA GLY A 129 8.31 -6.64 -9.03
C GLY A 129 9.83 -6.71 -9.21
N ALA A 130 10.34 -5.98 -10.18
CA ALA A 130 11.78 -5.93 -10.47
C ALA A 130 12.54 -5.24 -9.35
N ALA A 131 11.99 -4.14 -8.84
CA ALA A 131 12.56 -3.43 -7.69
C ALA A 131 12.69 -4.37 -6.48
N ILE A 132 11.64 -5.17 -6.25
CA ILE A 132 11.57 -6.08 -5.10
C ILE A 132 12.63 -7.20 -5.18
N VAL A 133 12.82 -7.77 -6.37
CA VAL A 133 13.85 -8.80 -6.53
C VAL A 133 15.22 -8.24 -6.13
N ASN A 134 15.53 -7.06 -6.65
CA ASN A 134 16.77 -6.37 -6.34
C ASN A 134 16.87 -5.98 -4.86
N GLN A 135 15.75 -5.54 -4.29
CA GLN A 135 15.72 -5.05 -2.92
C GLN A 135 15.80 -6.15 -1.85
N VAL A 136 15.09 -7.26 -2.06
CA VAL A 136 15.20 -8.41 -1.16
C VAL A 136 16.63 -8.94 -1.19
N ALA A 137 17.22 -8.91 -2.38
CA ALA A 137 18.62 -9.31 -2.59
C ALA A 137 19.63 -8.39 -1.90
N LEU A 138 19.19 -7.22 -1.47
CA LEU A 138 20.01 -6.28 -0.73
C LEU A 138 19.72 -6.29 0.78
N CYS A 139 18.82 -7.18 1.23
CA CYS A 139 18.54 -7.31 2.66
C CYS A 139 19.71 -7.88 3.43
N ARG A 140 20.65 -8.47 2.71
CA ARG A 140 21.89 -8.96 3.31
C ARG A 140 23.12 -8.14 2.82
N THR A 141 22.87 -6.95 2.29
CA THR A 141 23.98 -6.05 1.91
C THR A 141 24.84 -5.77 3.15
N SER A 142 26.15 -5.58 2.96
CA SER A 142 27.10 -5.51 4.09
C SER A 142 26.94 -4.31 5.04
N TYR A 143 26.34 -3.22 4.55
CA TYR A 143 26.21 -2.03 5.39
C TYR A 143 24.87 -2.05 6.12
N GLY A 144 24.95 -2.09 7.45
CA GLY A 144 23.79 -2.29 8.32
C GLY A 144 22.60 -1.37 8.08
N PRO A 145 22.83 -0.03 8.09
CA PRO A 145 21.74 0.90 7.81
C PRO A 145 21.04 0.66 6.47
N TYR A 146 21.79 0.26 5.44
CA TYR A 146 21.20 -0.02 4.14
C TYR A 146 20.37 -1.31 4.22
N ALA A 147 20.95 -2.36 4.80
CA ALA A 147 20.28 -3.65 4.98
C ALA A 147 18.95 -3.48 5.72
N ARG A 148 18.99 -2.78 6.85
CA ARG A 148 17.80 -2.58 7.70
C ARG A 148 16.72 -1.74 7.00
N ALA A 149 17.15 -0.74 6.24
CA ALA A 149 16.21 0.03 5.43
C ALA A 149 15.60 -0.82 4.30
N MET A 150 16.37 -1.73 3.71
CA MET A 150 15.84 -2.64 2.68
C MET A 150 14.74 -3.54 3.26
N VAL A 151 14.97 -4.05 4.47
CA VAL A 151 14.01 -4.92 5.15
C VAL A 151 12.68 -4.19 5.34
N LYS A 152 12.75 -2.99 5.92
CA LYS A 152 11.59 -2.15 6.16
C LYS A 152 10.84 -1.85 4.86
N ILE A 153 11.58 -1.43 3.84
CA ILE A 153 11.01 -1.10 2.54
C ILE A 153 10.35 -2.30 1.84
N CYS A 154 11.01 -3.46 1.85
CA CYS A 154 10.47 -4.67 1.22
C CYS A 154 9.14 -5.13 1.85
N LYS A 155 9.03 -5.03 3.18
CA LYS A 155 7.79 -5.36 3.89
C LYS A 155 6.60 -4.59 3.33
N GLU A 156 6.80 -3.31 3.06
CA GLU A 156 5.75 -2.41 2.62
C GLU A 156 5.48 -2.52 1.12
N GLU A 157 6.54 -2.55 0.31
CA GLU A 157 6.39 -2.55 -1.15
C GLU A 157 5.78 -3.83 -1.75
N SER A 158 6.01 -4.96 -1.11
CA SER A 158 5.51 -6.23 -1.64
C SER A 158 3.97 -6.23 -1.67
N PHE A 159 3.36 -5.64 -0.63
CA PHE A 159 1.92 -5.44 -0.58
C PHE A 159 1.40 -4.64 -1.79
N HIS A 160 2.05 -3.50 -2.08
CA HIS A 160 1.66 -2.64 -3.19
C HIS A 160 1.84 -3.34 -4.54
N GLN A 161 2.89 -4.16 -4.64
CA GLN A 161 3.15 -4.91 -5.86
C GLN A 161 2.03 -5.93 -6.15
N ARG A 162 1.53 -6.56 -5.08
CA ARG A 162 0.37 -7.46 -5.18
C ARG A 162 -0.88 -6.70 -5.66
N GLN A 163 -1.08 -5.49 -5.15
CA GLN A 163 -2.19 -4.65 -5.59
C GLN A 163 -2.06 -4.27 -7.07
N GLY A 164 -0.84 -3.99 -7.51
CA GLY A 164 -0.58 -3.74 -8.93
C GLY A 164 -0.98 -4.91 -9.81
N PHE A 165 -0.60 -6.12 -9.40
CA PHE A 165 -0.98 -7.36 -10.12
C PHE A 165 -2.50 -7.54 -10.19
N GLU A 166 -3.19 -7.26 -9.08
CA GLU A 166 -4.65 -7.37 -9.03
C GLU A 166 -5.34 -6.40 -9.98
N ALA A 167 -4.79 -5.18 -10.06
CA ALA A 167 -5.27 -4.19 -11.02
C ALA A 167 -5.08 -4.69 -12.45
N CYS A 168 -3.94 -5.32 -12.71
CA CYS A 168 -3.71 -5.98 -14.01
C CYS A 168 -4.66 -7.15 -14.25
N MET A 169 -4.92 -7.95 -13.22
CA MET A 169 -5.84 -9.08 -13.32
C MET A 169 -7.26 -8.62 -13.71
N ALA A 170 -7.71 -7.51 -13.13
CA ALA A 170 -9.00 -6.92 -13.51
C ALA A 170 -9.07 -6.62 -15.01
N LEU A 171 -8.05 -5.94 -15.52
CA LEU A 171 -7.94 -5.72 -16.96
C LEU A 171 -7.90 -7.03 -17.74
N ALA A 172 -7.07 -7.98 -17.28
CA ALA A 172 -6.93 -9.29 -17.94
C ALA A 172 -8.24 -10.08 -18.02
N GLN A 173 -9.15 -9.82 -17.09
CA GLN A 173 -10.42 -10.54 -17.01
C GLN A 173 -11.57 -9.69 -17.53
N GLY A 174 -11.26 -8.45 -17.91
CA GLY A 174 -12.29 -7.50 -18.29
C GLY A 174 -12.69 -7.58 -19.74
N SER A 175 -13.00 -6.43 -20.33
CA SER A 175 -13.42 -6.36 -21.73
C SER A 175 -12.22 -6.50 -22.64
N GLU A 176 -12.48 -6.76 -23.92
CA GLU A 176 -11.44 -6.80 -24.92
C GLU A 176 -10.57 -5.54 -24.90
N ALA A 177 -11.21 -4.37 -24.80
CA ALA A 177 -10.50 -3.10 -24.72
C ALA A 177 -9.52 -3.04 -23.53
N GLN A 178 -9.95 -3.56 -22.39
CA GLN A 178 -9.13 -3.58 -21.18
C GLN A 178 -7.94 -4.53 -21.34
N LYS A 179 -8.20 -5.68 -21.95
CA LYS A 179 -7.15 -6.67 -22.24
C LYS A 179 -6.09 -6.09 -23.14
N GLN A 180 -6.53 -5.36 -24.17
CA GLN A 180 -5.62 -4.76 -25.15
C GLN A 180 -4.77 -3.67 -24.50
N MET A 181 -5.38 -2.90 -23.62
CA MET A 181 -4.71 -1.87 -22.84
C MET A 181 -3.59 -2.49 -22.01
N LEU A 182 -3.89 -3.60 -21.34
CA LEU A 182 -2.90 -4.31 -20.51
C LEU A 182 -1.73 -4.80 -21.38
N GLN A 183 -2.06 -5.43 -22.50
CA GLN A 183 -0.99 -5.97 -23.37
C GLN A 183 -0.05 -4.87 -23.84
N ASP A 184 -0.62 -3.73 -24.20
CA ASP A 184 0.15 -2.63 -24.76
C ASP A 184 1.08 -2.04 -23.70
N ALA A 185 0.59 -1.94 -22.47
CA ALA A 185 1.38 -1.50 -21.35
C ALA A 185 2.56 -2.44 -21.11
N ILE A 186 2.27 -3.74 -21.10
CA ILE A 186 3.32 -4.77 -21.01
C ILE A 186 4.34 -4.62 -22.16
N ASN A 187 3.84 -4.45 -23.39
CA ASN A 187 4.73 -4.33 -24.55
C ASN A 187 5.71 -3.16 -24.39
N ARG A 188 5.26 -2.10 -23.72
CA ARG A 188 6.07 -0.90 -23.57
C ARG A 188 6.94 -0.89 -22.31
N PHE A 189 6.58 -1.69 -21.30
CA PHE A 189 7.32 -1.67 -20.02
C PHE A 189 8.20 -2.89 -19.73
N TRP A 190 8.03 -3.94 -20.51
CA TRP A 190 8.75 -5.19 -20.27
C TRP A 190 10.27 -5.04 -20.29
N TRP A 191 10.81 -4.60 -21.43
CA TRP A 191 12.26 -4.46 -21.57
C TRP A 191 12.84 -3.39 -20.64
N PRO A 192 12.16 -2.23 -20.49
CA PRO A 192 12.59 -1.24 -19.50
C PRO A 192 12.69 -1.79 -18.07
N ALA A 193 11.77 -2.69 -17.70
CA ALA A 193 11.81 -3.36 -16.39
C ALA A 193 13.03 -4.27 -16.27
N LEU A 194 13.34 -5.04 -17.31
CA LEU A 194 14.55 -5.87 -17.33
C LEU A 194 15.84 -5.04 -17.17
N MET A 195 15.82 -3.81 -17.67
CA MET A 195 16.98 -2.90 -17.59
C MET A 195 17.22 -2.33 -16.19
N MET A 196 16.21 -2.40 -15.32
CA MET A 196 16.36 -1.93 -13.95
C MET A 196 17.49 -2.67 -13.20
N PHE A 197 17.80 -3.90 -13.64
CA PHE A 197 18.79 -4.73 -12.98
C PHE A 197 20.23 -4.33 -13.25
N GLY A 198 20.44 -3.50 -14.26
CA GLY A 198 21.73 -2.90 -14.54
C GLY A 198 22.29 -3.48 -15.83
N PRO A 199 23.51 -3.05 -16.20
CA PRO A 199 24.20 -3.64 -17.35
C PRO A 199 24.59 -5.11 -17.15
N ASN A 200 24.91 -5.82 -18.24
CA ASN A 200 25.48 -7.19 -18.19
C ASN A 200 26.68 -7.29 -17.25
N ASP A 201 26.94 -8.51 -16.75
CA ASP A 201 28.06 -8.77 -15.84
C ASP A 201 29.43 -8.48 -16.49
N ASP A 202 29.46 -8.49 -17.82
CA ASP A 202 30.68 -8.15 -18.58
C ASP A 202 30.89 -6.64 -18.71
N ASN A 203 29.86 -5.86 -18.41
CA ASN A 203 29.86 -4.41 -18.63
C ASN A 203 29.45 -3.60 -17.40
N SER A 204 29.83 -4.07 -16.22
CA SER A 204 29.37 -3.45 -14.98
C SER A 204 30.57 -3.01 -14.13
N PRO A 205 30.97 -1.72 -14.27
CA PRO A 205 32.20 -1.21 -13.59
C PRO A 205 32.20 -1.31 -12.05
N ASN A 206 31.04 -1.12 -11.42
CA ASN A 206 30.96 -1.20 -9.95
C ASN A 206 30.94 -2.62 -9.38
N SER A 207 30.55 -3.59 -10.20
CA SER A 207 30.31 -4.97 -9.73
C SER A 207 31.51 -5.64 -9.03
N ALA A 208 32.71 -5.53 -9.61
CA ALA A 208 33.92 -6.09 -9.00
C ALA A 208 34.02 -5.75 -7.50
N ARG A 209 34.17 -4.47 -7.19
CA ARG A 209 34.25 -4.01 -5.79
C ARG A 209 32.99 -4.30 -4.98
N SER A 210 31.82 -4.04 -5.57
CA SER A 210 30.54 -4.24 -4.87
C SER A 210 30.34 -5.68 -4.41
N LEU A 211 30.61 -6.62 -5.31
CA LEU A 211 30.58 -8.04 -4.97
C LEU A 211 31.60 -8.40 -3.89
N THR A 212 32.86 -7.99 -4.08
CA THR A 212 33.93 -8.25 -3.10
C THR A 212 33.54 -7.75 -1.69
N TRP A 213 32.97 -6.55 -1.64
CA TRP A 213 32.61 -5.93 -0.37
C TRP A 213 31.21 -6.32 0.11
N LYS A 214 30.57 -7.23 -0.62
CA LYS A 214 29.23 -7.74 -0.29
C LYS A 214 28.17 -6.64 -0.15
N ILE A 215 28.33 -5.60 -0.96
CA ILE A 215 27.31 -4.59 -1.13
C ILE A 215 26.22 -5.20 -2.01
N LYS A 216 26.68 -5.76 -3.12
CA LYS A 216 25.88 -6.53 -4.04
C LYS A 216 26.10 -8.00 -3.66
N ARG A 217 25.02 -8.76 -3.54
CA ARG A 217 25.09 -10.16 -3.13
C ARG A 217 24.80 -11.09 -4.29
N PHE A 218 24.17 -10.57 -5.34
CA PHE A 218 23.92 -11.31 -6.57
C PHE A 218 24.24 -10.41 -7.75
N THR A 219 24.73 -10.99 -8.85
CA THR A 219 25.10 -10.18 -10.02
C THR A 219 23.85 -9.64 -10.72
N ASN A 220 24.02 -8.56 -11.48
CA ASN A 220 22.93 -7.98 -12.25
C ASN A 220 22.17 -9.03 -13.06
N ASP A 221 22.94 -9.90 -13.73
CA ASP A 221 22.39 -10.92 -14.62
C ASP A 221 21.70 -12.02 -13.84
N GLU A 222 22.25 -12.35 -12.67
CA GLU A 222 21.64 -13.33 -11.78
C GLU A 222 20.28 -12.86 -11.31
N LEU A 223 20.18 -11.61 -10.86
CA LEU A 223 18.88 -11.06 -10.43
C LEU A 223 17.87 -10.92 -11.56
N ARG A 224 18.34 -10.42 -12.71
CA ARG A 224 17.51 -10.30 -13.91
C ARG A 224 16.92 -11.66 -14.31
N GLN A 225 17.75 -12.71 -14.21
CA GLN A 225 17.33 -14.08 -14.57
C GLN A 225 16.25 -14.61 -13.61
N ARG A 226 16.45 -14.35 -12.31
CA ARG A 226 15.44 -14.70 -11.31
C ARG A 226 14.13 -13.97 -11.59
N PHE A 227 14.23 -12.69 -11.93
CA PHE A 227 13.05 -11.90 -12.25
C PHE A 227 12.30 -12.50 -13.43
N VAL A 228 13.02 -12.82 -14.50
CA VAL A 228 12.39 -13.42 -15.67
C VAL A 228 11.73 -14.76 -15.31
N ASP A 229 12.46 -15.65 -14.63
CA ASP A 229 11.89 -16.94 -14.19
C ASP A 229 10.63 -16.79 -13.31
N ASN A 230 10.66 -15.80 -12.42
CA ASN A 230 9.53 -15.57 -11.52
C ASN A 230 8.33 -14.89 -12.19
N THR A 231 8.60 -14.11 -13.23
CA THR A 231 7.57 -13.22 -13.76
C THR A 231 6.84 -13.81 -14.97
N VAL A 232 7.54 -14.61 -15.78
CA VAL A 232 6.90 -15.23 -16.93
C VAL A 232 5.60 -15.98 -16.55
N PRO A 233 5.62 -16.82 -15.50
CA PRO A 233 4.38 -17.48 -15.06
C PRO A 233 3.26 -16.51 -14.66
N GLN A 234 3.63 -15.33 -14.16
CA GLN A 234 2.68 -14.27 -13.85
C GLN A 234 2.07 -13.67 -15.12
N VAL A 235 2.88 -13.45 -16.16
CA VAL A 235 2.38 -12.97 -17.45
C VAL A 235 1.38 -14.00 -17.98
N GLU A 236 1.75 -15.27 -17.87
CA GLU A 236 0.91 -16.37 -18.32
C GLU A 236 -0.44 -16.41 -17.60
N MET A 237 -0.42 -16.20 -16.28
CA MET A 237 -1.64 -16.16 -15.47
C MET A 237 -2.62 -15.11 -15.98
N LEU A 238 -2.08 -14.00 -16.48
CA LEU A 238 -2.91 -12.89 -17.00
C LEU A 238 -3.38 -13.18 -18.43
N GLY A 239 -2.90 -14.28 -19.02
CA GLY A 239 -3.25 -14.61 -20.40
C GLY A 239 -2.60 -13.65 -21.40
N MET A 240 -1.45 -13.10 -21.00
CA MET A 240 -0.77 -12.09 -21.81
C MET A 240 0.50 -12.66 -22.45
N THR A 241 1.13 -11.88 -23.33
CA THR A 241 2.38 -12.26 -23.95
C THR A 241 3.49 -11.31 -23.54
N VAL A 242 4.72 -11.78 -23.76
CA VAL A 242 5.95 -11.02 -23.59
C VAL A 242 6.43 -10.60 -24.98
N PRO A 243 6.77 -9.30 -25.19
CA PRO A 243 7.28 -8.86 -26.50
C PRO A 243 8.73 -9.31 -26.74
N ASP A 244 8.95 -10.63 -26.73
CA ASP A 244 10.28 -11.20 -26.90
C ASP A 244 10.20 -12.50 -27.68
N PRO A 245 10.43 -12.41 -29.01
CA PRO A 245 10.46 -13.56 -29.91
C PRO A 245 11.49 -14.62 -29.52
N ASP A 246 12.50 -14.24 -28.75
CA ASP A 246 13.57 -15.16 -28.37
C ASP A 246 13.32 -15.83 -27.01
N LEU A 247 12.27 -15.41 -26.31
CA LEU A 247 11.96 -16.00 -25.00
C LEU A 247 11.52 -17.46 -25.16
N HIS A 248 12.17 -18.35 -24.41
CA HIS A 248 11.81 -19.77 -24.40
C HIS A 248 12.34 -20.48 -23.15
N PHE A 249 11.62 -21.51 -22.72
CA PHE A 249 12.11 -22.30 -21.61
C PHE A 249 13.18 -23.29 -22.09
N ASP A 250 14.28 -23.32 -21.35
CA ASP A 250 15.40 -24.19 -21.62
C ASP A 250 15.45 -25.25 -20.51
N THR A 251 14.90 -26.42 -20.80
CA THR A 251 14.81 -27.53 -19.83
C THR A 251 16.19 -27.97 -19.34
N GLU A 252 17.19 -27.89 -20.22
CA GLU A 252 18.56 -28.31 -19.89
C GLU A 252 19.22 -27.48 -18.78
N SER A 253 18.74 -26.25 -18.57
CA SER A 253 19.29 -25.39 -17.51
C SER A 253 18.27 -25.08 -16.42
N GLY A 254 16.99 -25.26 -16.72
CA GLY A 254 15.91 -24.90 -15.79
C GLY A 254 15.57 -23.40 -15.75
N HIS A 255 16.01 -22.67 -16.77
CA HIS A 255 15.74 -21.24 -16.84
C HIS A 255 15.03 -20.85 -18.13
N TYR A 256 14.30 -19.74 -18.07
CA TYR A 256 13.88 -19.07 -19.27
C TYR A 256 15.08 -18.39 -19.92
N ARG A 257 15.33 -18.71 -21.19
CA ARG A 257 16.31 -17.96 -21.96
C ARG A 257 15.56 -16.83 -22.66
N PHE A 258 16.10 -15.61 -22.56
CA PHE A 258 15.43 -14.43 -23.11
C PHE A 258 16.32 -13.63 -24.05
N GLY A 259 15.68 -12.81 -24.88
CA GLY A 259 16.38 -12.06 -25.92
C GLY A 259 17.32 -10.99 -25.40
N GLU A 260 18.12 -10.47 -26.33
CA GLU A 260 19.08 -9.41 -26.03
C GLU A 260 18.39 -8.08 -25.73
N ILE A 261 18.86 -7.43 -24.67
CA ILE A 261 18.45 -6.08 -24.31
C ILE A 261 19.04 -5.04 -25.27
N ASP A 262 18.26 -3.98 -25.54
CA ASP A 262 18.78 -2.85 -26.31
C ASP A 262 19.67 -2.00 -25.39
N TRP A 263 20.97 -2.27 -25.42
CA TRP A 263 21.93 -1.54 -24.58
C TRP A 263 22.20 -0.10 -25.04
N GLN A 264 21.95 0.17 -26.32
CA GLN A 264 22.05 1.53 -26.86
C GLN A 264 20.95 2.41 -26.22
N GLU A 265 19.71 1.88 -26.19
CA GLU A 265 18.62 2.57 -25.49
C GLU A 265 19.02 2.76 -24.02
N PHE A 266 19.49 1.69 -23.39
CA PHE A 266 19.84 1.75 -21.97
C PHE A 266 20.82 2.89 -21.69
N ASN A 267 21.86 2.96 -22.51
CA ASN A 267 22.85 4.00 -22.34
C ASN A 267 22.32 5.41 -22.60
N GLU A 268 21.48 5.56 -23.62
CA GLU A 268 20.80 6.84 -23.87
C GLU A 268 20.00 7.30 -22.64
N VAL A 269 19.26 6.37 -22.04
CA VAL A 269 18.34 6.70 -20.96
C VAL A 269 19.06 7.12 -19.68
N ILE A 270 20.08 6.37 -19.27
CA ILE A 270 20.77 6.71 -18.03
C ILE A 270 21.58 7.98 -18.19
N ASN A 271 21.85 8.36 -19.43
CA ASN A 271 22.57 9.59 -19.74
C ASN A 271 21.69 10.80 -20.11
N GLY A 272 20.40 10.71 -19.77
CA GLY A 272 19.50 11.85 -19.82
C GLY A 272 18.73 12.01 -21.11
N ARG A 273 18.80 11.03 -22.00
CA ARG A 273 18.23 11.17 -23.34
C ARG A 273 17.15 10.13 -23.65
N GLY A 274 16.44 9.72 -22.60
CA GLY A 274 15.27 8.86 -22.74
C GLY A 274 14.03 9.71 -22.97
N ILE A 275 12.86 9.08 -22.84
CA ILE A 275 11.59 9.69 -23.23
C ILE A 275 11.15 10.83 -22.30
N CYS A 276 11.28 10.63 -20.99
CA CYS A 276 10.84 11.63 -20.02
C CYS A 276 11.91 12.25 -19.14
N ASN A 277 13.20 12.00 -19.41
CA ASN A 277 14.27 12.49 -18.51
C ASN A 277 14.18 13.98 -18.25
N GLN A 278 14.09 14.76 -19.33
CA GLN A 278 13.97 16.21 -19.24
C GLN A 278 12.75 16.65 -18.42
N GLU A 279 11.59 16.05 -18.72
CA GLU A 279 10.35 16.35 -17.99
C GLU A 279 10.45 16.01 -16.50
N ARG A 280 11.03 14.85 -16.18
CA ARG A 280 11.19 14.43 -14.77
C ARG A 280 12.05 15.43 -14.02
N LEU A 281 13.19 15.79 -14.62
CA LEU A 281 14.09 16.72 -13.97
C LEU A 281 13.49 18.12 -13.91
N ASP A 282 12.79 18.54 -14.96
CA ASP A 282 12.11 19.84 -14.96
C ASP A 282 11.06 19.91 -13.85
N ALA A 283 10.29 18.83 -13.71
CA ALA A 283 9.25 18.79 -12.66
C ALA A 283 9.88 18.92 -11.26
N LYS A 284 10.91 18.13 -10.97
CA LYS A 284 11.57 18.24 -9.65
C LYS A 284 12.32 19.57 -9.47
N ARG A 285 12.94 20.06 -10.53
CA ARG A 285 13.56 21.40 -10.46
C ARG A 285 12.53 22.50 -10.20
N LYS A 286 11.39 22.42 -10.89
CA LYS A 286 10.32 23.41 -10.70
C LYS A 286 9.81 23.34 -9.26
N ALA A 287 9.57 22.14 -8.75
CA ALA A 287 9.10 21.95 -7.37
C ALA A 287 10.07 22.51 -6.35
N TRP A 288 11.37 22.29 -6.57
CA TRP A 288 12.39 22.79 -5.68
C TRP A 288 12.45 24.33 -5.72
N GLU A 289 12.53 24.88 -6.93
CA GLU A 289 12.64 26.34 -7.09
C GLU A 289 11.40 27.09 -6.61
N GLU A 290 10.21 26.62 -6.99
CA GLU A 290 8.96 27.28 -6.58
C GLU A 290 8.67 27.12 -5.10
N GLY A 291 9.22 26.07 -4.50
CA GLY A 291 9.06 25.81 -3.08
C GLY A 291 10.02 26.56 -2.17
N THR A 292 10.97 27.27 -2.78
CA THR A 292 12.04 27.95 -2.02
C THR A 292 11.49 28.88 -0.93
N TRP A 293 10.54 29.73 -1.29
CA TRP A 293 9.99 30.68 -0.30
C TRP A 293 9.31 29.97 0.88
N VAL A 294 8.78 28.77 0.63
CA VAL A 294 8.13 27.96 1.66
C VAL A 294 9.17 27.39 2.65
N ARG A 295 10.24 26.83 2.12
CA ARG A 295 11.35 26.33 2.94
C ARG A 295 12.00 27.46 3.74
N GLU A 296 12.18 28.62 3.11
CA GLU A 296 12.75 29.80 3.77
C GLU A 296 11.79 30.35 4.83
N ALA A 297 10.49 30.24 4.58
CA ALA A 297 9.48 30.59 5.58
C ALA A 297 9.60 29.69 6.80
N ALA A 298 9.67 28.38 6.57
CA ALA A 298 9.79 27.38 7.64
C ALA A 298 11.01 27.64 8.54
N LEU A 299 12.14 27.91 7.90
CA LEU A 299 13.40 28.18 8.61
C LEU A 299 13.33 29.47 9.42
N ALA A 300 12.75 30.51 8.85
CA ALA A 300 12.62 31.79 9.53
C ALA A 300 11.71 31.68 10.76
N HIS A 301 10.64 30.88 10.63
CA HIS A 301 9.65 30.74 11.71
C HIS A 301 10.19 29.93 12.89
N ALA A 302 10.97 28.88 12.59
CA ALA A 302 11.52 28.00 13.61
C ALA A 302 12.45 28.73 14.57
N GLN A 303 13.05 29.80 14.07
CA GLN A 303 14.02 30.57 14.84
C GLN A 303 13.35 31.46 15.89
N LYS A 304 12.17 31.98 15.56
CA LYS A 304 11.44 32.85 16.47
C LYS A 304 10.75 32.06 17.58
N SER B 12 -26.48 -17.08 10.57
CA SER B 12 -26.44 -15.63 10.96
C SER B 12 -25.23 -15.34 11.83
N ASN B 13 -25.39 -15.46 13.15
CA ASN B 13 -24.28 -15.33 14.10
C ASN B 13 -23.30 -16.48 13.94
N GLN B 14 -23.83 -17.65 13.64
CA GLN B 14 -23.01 -18.84 13.39
C GLN B 14 -22.22 -18.68 12.09
N LEU B 15 -22.90 -18.19 11.04
CA LEU B 15 -22.24 -17.93 9.76
C LEU B 15 -21.17 -16.84 9.88
N THR B 16 -21.49 -15.78 10.62
CA THR B 16 -20.53 -14.71 10.92
C THR B 16 -19.28 -15.28 11.61
N ALA B 17 -19.50 -15.98 12.73
CA ALA B 17 -18.40 -16.61 13.47
C ALA B 17 -17.59 -17.59 12.62
N TYR B 18 -18.27 -18.41 11.81
CA TYR B 18 -17.62 -19.40 10.96
C TYR B 18 -16.70 -18.77 9.91
N THR B 19 -17.20 -17.73 9.24
CA THR B 19 -16.43 -17.01 8.22
C THR B 19 -15.21 -16.29 8.82
N LEU B 20 -15.41 -15.71 10.00
CA LEU B 20 -14.37 -14.99 10.73
C LEU B 20 -13.19 -15.89 11.13
N ARG B 21 -13.50 -17.12 11.57
CA ARG B 21 -12.49 -18.11 11.94
C ARG B 21 -11.52 -18.39 10.80
N LEU B 22 -12.07 -18.73 9.64
CA LEU B 22 -11.25 -19.03 8.46
C LEU B 22 -10.42 -17.82 8.07
N GLY B 23 -11.00 -16.62 8.17
CA GLY B 23 -10.28 -15.38 7.95
C GLY B 23 -9.14 -15.18 8.94
N ASP B 24 -9.41 -15.42 10.22
CA ASP B 24 -8.39 -15.27 11.27
C ASP B 24 -7.21 -16.21 11.06
N ASN B 25 -7.50 -17.47 10.71
CA ASN B 25 -6.44 -18.43 10.35
C ASN B 25 -5.50 -17.82 9.32
N CYS B 26 -6.08 -17.32 8.23
CA CYS B 26 -5.31 -16.73 7.12
C CYS B 26 -4.60 -15.45 7.50
N LEU B 27 -5.25 -14.60 8.29
CA LEU B 27 -4.64 -13.32 8.71
C LEU B 27 -3.43 -13.53 9.61
N VAL B 28 -3.61 -14.31 10.67
CA VAL B 28 -2.53 -14.57 11.63
C VAL B 28 -1.30 -15.20 10.93
N LEU B 29 -1.55 -16.21 10.10
CA LEU B 29 -0.47 -16.86 9.35
C LEU B 29 0.23 -15.91 8.37
N SER B 30 -0.54 -15.05 7.70
CA SER B 30 0.04 -14.06 6.78
C SER B 30 0.95 -13.10 7.53
N GLN B 31 0.56 -12.73 8.74
CA GLN B 31 1.38 -11.86 9.56
C GLN B 31 2.69 -12.52 10.01
N ARG B 32 2.61 -13.80 10.39
CA ARG B 32 3.81 -14.57 10.72
C ARG B 32 4.77 -14.62 9.53
N LEU B 33 4.22 -14.96 8.36
CA LEU B 33 5.03 -15.04 7.14
C LEU B 33 5.68 -13.71 6.76
N GLY B 34 4.97 -12.61 6.97
CA GLY B 34 5.51 -11.27 6.76
C GLY B 34 6.77 -10.97 7.57
N GLU B 35 6.89 -11.59 8.75
CA GLU B 35 8.08 -11.42 9.60
C GLU B 35 9.35 -11.98 8.96
N TRP B 36 9.17 -12.92 8.03
CA TRP B 36 10.30 -13.53 7.33
C TRP B 36 10.92 -12.63 6.26
N CYS B 37 10.26 -11.52 5.94
CA CYS B 37 10.72 -10.66 4.86
C CYS B 37 12.15 -10.16 5.10
N GLY B 38 13.03 -10.49 4.15
CA GLY B 38 14.45 -10.12 4.23
C GLY B 38 15.27 -10.96 5.20
N HIS B 39 14.66 -12.01 5.76
CA HIS B 39 15.32 -12.81 6.80
C HIS B 39 15.46 -14.30 6.45
N ALA B 40 14.95 -14.69 5.28
CA ALA B 40 14.96 -16.08 4.86
C ALA B 40 16.37 -16.56 4.45
N PRO B 41 16.64 -17.87 4.55
CA PRO B 41 17.98 -18.42 4.27
C PRO B 41 18.45 -18.22 2.83
N GLU B 42 17.50 -18.11 1.90
CA GLU B 42 17.82 -17.91 0.48
C GLU B 42 16.91 -16.85 -0.15
N LEU B 43 17.39 -16.20 -1.20
CA LEU B 43 16.59 -15.21 -1.94
C LEU B 43 15.28 -15.82 -2.46
N GLU B 44 15.36 -16.99 -3.09
CA GLU B 44 14.17 -17.66 -3.62
C GLU B 44 13.15 -18.00 -2.53
N ILE B 45 13.65 -18.46 -1.38
CA ILE B 45 12.77 -18.76 -0.25
C ILE B 45 12.09 -17.48 0.24
N ASP B 46 12.87 -16.41 0.39
CA ASP B 46 12.37 -15.11 0.84
C ASP B 46 11.21 -14.64 -0.02
N LEU B 47 11.38 -14.69 -1.34
CA LEU B 47 10.32 -14.31 -2.28
C LEU B 47 9.10 -15.23 -2.25
N ALA B 48 9.31 -16.52 -2.03
CA ALA B 48 8.20 -17.47 -1.98
C ALA B 48 7.36 -17.28 -0.72
N LEU B 49 8.02 -17.10 0.42
CA LEU B 49 7.30 -16.92 1.68
C LEU B 49 6.44 -15.63 1.65
N ALA B 50 7.00 -14.55 1.09
CA ALA B 50 6.26 -13.30 0.93
C ALA B 50 5.03 -13.51 0.02
N ASN B 51 5.23 -14.23 -1.08
CA ASN B 51 4.14 -14.58 -1.98
C ASN B 51 3.00 -15.35 -1.28
N ILE B 52 3.37 -16.35 -0.48
CA ILE B 52 2.40 -17.13 0.29
C ILE B 52 1.69 -16.25 1.33
N GLY B 53 2.46 -15.46 2.07
CA GLY B 53 1.91 -14.52 3.04
C GLY B 53 0.87 -13.61 2.41
N LEU B 54 1.15 -13.12 1.21
CA LEU B 54 0.23 -12.24 0.48
C LEU B 54 -1.02 -12.97 -0.03
N ASP B 55 -0.87 -14.23 -0.46
CA ASP B 55 -2.01 -15.05 -0.85
C ASP B 55 -2.99 -15.19 0.33
N LEU B 56 -2.42 -15.49 1.49
CA LEU B 56 -3.19 -15.65 2.73
C LEU B 56 -3.81 -14.35 3.22
N LEU B 57 -3.09 -13.23 3.12
CA LEU B 57 -3.66 -11.93 3.43
C LEU B 57 -4.88 -11.66 2.53
N GLY B 58 -4.73 -11.94 1.24
CA GLY B 58 -5.81 -11.80 0.27
C GLY B 58 -7.01 -12.65 0.64
N GLN B 59 -6.75 -13.92 0.96
CA GLN B 59 -7.77 -14.83 1.49
C GLN B 59 -8.39 -14.32 2.79
N ALA B 60 -7.57 -13.79 3.69
CA ALA B 60 -8.06 -13.23 4.96
C ALA B 60 -9.01 -12.05 4.72
N ARG B 61 -8.59 -11.12 3.87
CA ARG B 61 -9.39 -9.94 3.55
C ARG B 61 -10.73 -10.30 2.91
N ASN B 62 -10.76 -11.40 2.14
CA ASN B 62 -12.00 -11.90 1.58
C ASN B 62 -12.96 -12.41 2.65
N PHE B 63 -12.48 -13.27 3.54
CA PHE B 63 -13.30 -13.77 4.65
C PHE B 63 -13.75 -12.68 5.62
N LEU B 64 -12.85 -11.76 5.96
CA LEU B 64 -13.16 -10.66 6.87
C LEU B 64 -14.20 -9.68 6.33
N SER B 65 -14.09 -9.32 5.06
CA SER B 65 -15.09 -8.45 4.39
C SER B 65 -16.47 -9.06 4.43
N TYR B 66 -16.55 -10.36 4.14
CA TYR B 66 -17.82 -11.07 4.16
C TYR B 66 -18.38 -11.14 5.58
N ALA B 67 -17.50 -11.39 6.55
CA ALA B 67 -17.88 -11.40 7.96
C ALA B 67 -18.34 -10.01 8.44
N ALA B 68 -17.75 -8.97 7.87
CA ALA B 68 -18.15 -7.59 8.15
C ALA B 68 -19.52 -7.26 7.53
N GLU B 69 -19.78 -7.85 6.36
CA GLU B 69 -21.09 -7.75 5.71
C GLU B 69 -22.17 -8.37 6.58
N LEU B 70 -21.93 -9.61 7.01
CA LEU B 70 -22.92 -10.39 7.76
C LEU B 70 -23.24 -9.79 9.14
N ALA B 71 -22.22 -9.21 9.78
CA ALA B 71 -22.37 -8.53 11.06
C ALA B 71 -23.12 -7.21 10.91
N GLY B 72 -23.02 -6.60 9.73
CA GLY B 72 -23.72 -5.36 9.40
C GLY B 72 -23.03 -4.11 9.92
N GLU B 73 -21.80 -4.27 10.41
CA GLU B 73 -21.00 -3.16 10.94
C GLU B 73 -19.52 -3.44 10.74
N GLY B 74 -18.71 -2.37 10.70
CA GLY B 74 -17.28 -2.49 10.49
C GLY B 74 -16.91 -2.96 9.10
N ASP B 75 -15.63 -3.27 8.91
CA ASP B 75 -15.10 -3.70 7.62
C ASP B 75 -13.89 -4.62 7.80
N GLU B 76 -13.01 -4.67 6.80
CA GLU B 76 -11.75 -5.41 6.86
C GLU B 76 -10.86 -4.91 7.98
N ASP B 77 -10.74 -3.58 8.07
CA ASP B 77 -9.75 -2.92 8.91
C ASP B 77 -10.11 -2.97 10.39
N THR B 78 -11.38 -2.76 10.70
CA THR B 78 -11.85 -2.89 12.07
C THR B 78 -11.60 -4.31 12.58
N LEU B 79 -11.97 -5.31 11.78
CA LEU B 79 -11.79 -6.72 12.15
C LEU B 79 -10.32 -7.11 12.27
N ALA B 80 -9.48 -6.60 11.36
CA ALA B 80 -8.06 -6.96 11.39
C ALA B 80 -7.30 -6.21 12.50
N PHE B 81 -7.63 -4.94 12.70
CA PHE B 81 -6.77 -4.06 13.51
C PHE B 81 -7.33 -3.59 14.86
N THR B 82 -8.63 -3.75 15.11
CA THR B 82 -9.22 -3.28 16.38
C THR B 82 -9.69 -4.40 17.33
N ARG B 83 -9.46 -5.65 16.97
CA ARG B 83 -9.77 -6.78 17.85
C ARG B 83 -8.55 -7.20 18.66
N ASP B 84 -8.74 -7.44 19.95
CA ASP B 84 -7.69 -8.04 20.77
C ASP B 84 -7.77 -9.57 20.71
N GLU B 85 -6.80 -10.24 21.34
CA GLU B 85 -6.63 -11.69 21.22
C GLU B 85 -7.87 -12.52 21.58
N ARG B 86 -8.65 -12.07 22.55
CA ARG B 86 -9.81 -12.82 22.98
C ARG B 86 -10.94 -12.78 21.94
N GLN B 87 -10.84 -11.83 21.02
CA GLN B 87 -11.81 -11.69 19.93
C GLN B 87 -11.33 -12.40 18.65
N PHE B 88 -10.08 -12.85 18.64
CA PHE B 88 -9.56 -13.66 17.53
C PHE B 88 -9.91 -15.13 17.69
N SER B 89 -10.24 -15.78 16.58
CA SER B 89 -10.71 -17.16 16.61
C SER B 89 -9.87 -18.13 15.77
N ASN B 90 -8.63 -17.74 15.45
CA ASN B 90 -7.74 -18.58 14.65
C ASN B 90 -7.36 -19.90 15.33
N LEU B 91 -7.00 -20.89 14.52
CA LEU B 91 -6.36 -22.11 14.99
C LEU B 91 -5.07 -21.75 15.72
N LEU B 92 -4.78 -22.47 16.80
CA LEU B 92 -3.57 -22.21 17.58
C LEU B 92 -2.29 -22.44 16.78
N LEU B 93 -2.36 -23.35 15.83
CA LEU B 93 -1.23 -23.65 14.96
C LEU B 93 -0.67 -22.40 14.28
N VAL B 94 -1.55 -21.52 13.79
CA VAL B 94 -1.08 -20.40 12.95
C VAL B 94 -0.37 -19.30 13.73
N GLU B 95 -0.66 -19.19 15.03
CA GLU B 95 -0.07 -18.14 15.87
C GLU B 95 1.31 -18.50 16.44
N GLN B 96 1.74 -19.75 16.29
CA GLN B 96 3.05 -20.18 16.77
C GLN B 96 4.19 -19.35 16.16
N PRO B 97 5.27 -19.12 16.93
CA PRO B 97 6.35 -18.31 16.38
C PRO B 97 6.98 -18.98 15.16
N ASN B 98 7.56 -18.15 14.29
CA ASN B 98 8.28 -18.63 13.11
C ASN B 98 9.38 -19.63 13.47
N GLY B 99 10.08 -19.37 14.58
CA GLY B 99 11.24 -20.16 14.98
C GLY B 99 12.28 -20.18 13.86
N ASN B 100 12.95 -21.31 13.68
CA ASN B 100 13.85 -21.48 12.55
C ASN B 100 13.06 -21.86 11.29
N PHE B 101 13.76 -21.99 10.17
CA PHE B 101 13.10 -22.27 8.90
C PHE B 101 12.28 -23.55 8.95
N ALA B 102 12.82 -24.56 9.64
CA ALA B 102 12.14 -25.84 9.82
C ALA B 102 10.83 -25.72 10.59
N ASP B 103 10.83 -24.95 11.67
CA ASP B 103 9.61 -24.66 12.46
C ASP B 103 8.55 -24.02 11.57
N THR B 104 8.99 -23.10 10.72
CA THR B 104 8.11 -22.43 9.77
C THR B 104 7.55 -23.42 8.74
N ILE B 105 8.39 -24.33 8.28
CA ILE B 105 7.98 -25.29 7.25
C ILE B 105 6.96 -26.29 7.78
N ALA B 106 7.18 -26.80 8.99
CA ALA B 106 6.20 -27.70 9.63
C ALA B 106 4.81 -27.05 9.78
N ARG B 107 4.79 -25.84 10.32
CA ARG B 107 3.54 -25.09 10.51
C ARG B 107 2.86 -24.88 9.16
N GLN B 108 3.65 -24.50 8.17
CA GLN B 108 3.09 -24.27 6.84
C GLN B 108 2.51 -25.54 6.24
N TYR B 109 3.26 -26.63 6.33
CA TYR B 109 2.86 -27.90 5.74
C TYR B 109 1.55 -28.40 6.35
N PHE B 110 1.48 -28.37 7.68
CA PHE B 110 0.29 -28.82 8.39
C PHE B 110 -0.94 -28.00 7.98
N ILE B 111 -0.77 -26.69 7.84
CA ILE B 111 -1.88 -25.82 7.46
C ILE B 111 -2.23 -25.88 5.97
N ASP B 112 -1.23 -25.99 5.10
CA ASP B 112 -1.47 -26.16 3.66
C ASP B 112 -2.26 -27.42 3.36
N ALA B 113 -1.86 -28.53 3.99
CA ALA B 113 -2.55 -29.79 3.83
C ALA B 113 -4.01 -29.64 4.27
N TRP B 114 -4.21 -28.94 5.38
CA TRP B 114 -5.55 -28.67 5.90
C TRP B 114 -6.36 -27.76 4.97
N HIS B 115 -5.74 -26.69 4.49
CA HIS B 115 -6.39 -25.77 3.54
C HIS B 115 -6.82 -26.44 2.24
N VAL B 116 -5.93 -27.25 1.66
CA VAL B 116 -6.23 -27.97 0.41
C VAL B 116 -7.48 -28.86 0.58
N ALA B 117 -7.49 -29.67 1.65
CA ALA B 117 -8.64 -30.52 1.95
C ALA B 117 -9.90 -29.68 2.18
N LEU B 118 -9.76 -28.56 2.89
CA LEU B 118 -10.88 -27.70 3.23
C LEU B 118 -11.52 -26.97 2.03
N PHE B 119 -10.72 -26.17 1.32
CA PHE B 119 -11.24 -25.34 0.24
C PHE B 119 -11.78 -26.15 -0.92
N THR B 120 -11.21 -27.33 -1.14
CA THR B 120 -11.74 -28.29 -2.10
C THR B 120 -13.19 -28.61 -1.78
N ARG B 121 -13.48 -28.90 -0.50
CA ARG B 121 -14.84 -29.18 -0.05
C ARG B 121 -15.72 -27.94 0.08
N LEU B 122 -15.14 -26.82 0.50
CA LEU B 122 -15.90 -25.60 0.76
C LEU B 122 -16.34 -24.85 -0.49
N MET B 123 -15.67 -25.07 -1.61
CA MET B 123 -16.07 -24.46 -2.87
C MET B 123 -17.31 -25.13 -3.45
N GLU B 124 -17.94 -25.98 -2.64
CA GLU B 124 -19.22 -26.60 -2.96
C GLU B 124 -20.27 -26.18 -1.93
N SER B 125 -19.96 -25.13 -1.18
CA SER B 125 -20.86 -24.59 -0.16
C SER B 125 -22.20 -24.11 -0.75
N ARG B 126 -23.26 -24.27 0.02
CA ARG B 126 -24.57 -23.72 -0.33
C ARG B 126 -24.58 -22.19 -0.20
N ASP B 127 -23.60 -21.66 0.53
CA ASP B 127 -23.37 -20.22 0.58
C ASP B 127 -22.48 -19.86 -0.61
N PRO B 128 -23.03 -19.12 -1.58
CA PRO B 128 -22.29 -18.79 -2.82
C PRO B 128 -21.03 -17.95 -2.57
N GLN B 129 -21.06 -17.06 -1.58
CA GLN B 129 -19.92 -16.23 -1.25
C GLN B 129 -18.76 -17.06 -0.68
N LEU B 130 -19.07 -17.99 0.23
CA LEU B 130 -18.07 -18.92 0.76
C LEU B 130 -17.51 -19.83 -0.34
N ALA B 131 -18.38 -20.25 -1.25
CA ALA B 131 -17.98 -21.06 -2.41
C ALA B 131 -17.01 -20.28 -3.30
N ALA B 132 -17.31 -19.00 -3.51
CA ALA B 132 -16.49 -18.12 -4.35
C ALA B 132 -15.10 -17.89 -3.76
N ILE B 133 -15.05 -17.51 -2.48
CA ILE B 133 -13.79 -17.31 -1.78
C ILE B 133 -12.94 -18.58 -1.84
N SER B 134 -13.57 -19.73 -1.56
CA SER B 134 -12.89 -21.03 -1.57
C SER B 134 -12.35 -21.40 -2.96
N ALA B 135 -13.11 -21.03 -4.00
CA ALA B 135 -12.70 -21.29 -5.37
C ALA B 135 -11.37 -20.59 -5.73
N LYS B 136 -11.20 -19.36 -5.25
CA LYS B 136 -9.92 -18.66 -5.44
C LYS B 136 -8.83 -19.21 -4.52
N ALA B 137 -9.18 -19.40 -3.25
CA ALA B 137 -8.25 -19.85 -2.22
C ALA B 137 -7.57 -21.17 -2.57
N ILE B 138 -8.33 -22.11 -3.13
CA ILE B 138 -7.82 -23.46 -3.43
C ILE B 138 -6.67 -23.47 -4.44
N LYS B 139 -6.74 -22.62 -5.45
CA LYS B 139 -5.67 -22.51 -6.45
C LYS B 139 -4.38 -22.09 -5.77
N GLU B 140 -4.50 -21.22 -4.77
CA GLU B 140 -3.34 -20.76 -4.00
C GLU B 140 -2.84 -21.84 -3.03
N ALA B 141 -3.74 -22.42 -2.23
CA ALA B 141 -3.40 -23.46 -1.26
C ALA B 141 -2.64 -24.65 -1.88
N ARG B 142 -3.04 -25.04 -3.09
CA ARG B 142 -2.35 -26.09 -3.86
C ARG B 142 -0.88 -25.75 -4.12
N TYR B 143 -0.61 -24.50 -4.49
CA TYR B 143 0.76 -24.01 -4.65
C TYR B 143 1.52 -23.92 -3.33
N HIS B 144 0.82 -23.58 -2.24
CA HIS B 144 1.45 -23.57 -0.92
C HIS B 144 1.91 -24.98 -0.50
N LEU B 145 1.03 -25.96 -0.69
CA LEU B 145 1.32 -27.34 -0.34
C LEU B 145 2.57 -27.83 -1.06
N ARG B 146 2.63 -27.62 -2.38
CA ARG B 146 3.80 -27.99 -3.17
C ARG B 146 5.08 -27.42 -2.56
N PHE B 147 5.02 -26.14 -2.17
CA PHE B 147 6.16 -25.47 -1.57
C PHE B 147 6.51 -26.07 -0.22
N SER B 148 5.51 -26.22 0.65
CA SER B 148 5.72 -26.70 2.01
C SER B 148 6.13 -28.18 2.08
N ARG B 149 5.46 -29.04 1.33
CA ARG B 149 5.82 -30.47 1.25
C ARG B 149 7.21 -30.65 0.66
N GLY B 150 7.53 -29.81 -0.33
CA GLY B 150 8.83 -29.84 -1.01
C GLY B 150 9.96 -29.54 -0.05
N TRP B 151 9.77 -28.51 0.78
CA TRP B 151 10.80 -28.13 1.75
C TRP B 151 10.89 -29.10 2.92
N LEU B 152 9.75 -29.68 3.31
CA LEU B 152 9.74 -30.75 4.29
C LEU B 152 10.67 -31.91 3.86
N GLU B 153 10.47 -32.41 2.65
CA GLU B 153 11.30 -33.50 2.13
C GLU B 153 12.78 -33.11 2.02
N ARG B 154 13.06 -31.93 1.45
CA ARG B 154 14.43 -31.43 1.30
C ARG B 154 15.15 -31.20 2.63
N LEU B 155 14.42 -30.72 3.63
CA LEU B 155 15.00 -30.52 4.97
C LEU B 155 15.24 -31.83 5.71
N GLY B 156 14.32 -32.78 5.54
CA GLY B 156 14.46 -34.10 6.16
C GLY B 156 15.60 -34.89 5.54
N ASN B 157 15.66 -34.89 4.21
CA ASN B 157 16.68 -35.61 3.44
C ASN B 157 18.06 -34.95 3.38
N GLY B 158 18.22 -33.81 4.04
CA GLY B 158 19.46 -33.05 3.97
C GLY B 158 20.47 -33.47 5.02
N THR B 159 21.21 -32.49 5.52
CA THR B 159 22.24 -32.72 6.54
C THR B 159 21.64 -33.34 7.81
N ASP B 160 22.49 -33.99 8.61
CA ASP B 160 22.05 -34.58 9.87
C ASP B 160 21.40 -33.53 10.77
N VAL B 161 22.06 -32.37 10.87
CA VAL B 161 21.54 -31.24 11.63
C VAL B 161 20.15 -30.84 11.13
N SER B 162 20.01 -30.72 9.81
CA SER B 162 18.75 -30.36 9.18
C SER B 162 17.63 -31.33 9.52
N GLY B 163 17.94 -32.64 9.48
CA GLY B 163 16.97 -33.68 9.75
C GLY B 163 16.47 -33.67 11.19
N GLN B 164 17.39 -33.39 12.11
CA GLN B 164 17.05 -33.21 13.52
C GLN B 164 16.16 -31.99 13.70
N LYS B 165 16.53 -30.88 13.07
CA LYS B 165 15.76 -29.63 13.14
C LYS B 165 14.36 -29.81 12.59
N MET B 166 14.24 -30.48 11.45
CA MET B 166 12.94 -30.75 10.83
C MET B 166 12.04 -31.62 11.73
N GLN B 167 12.63 -32.67 12.33
CA GLN B 167 11.90 -33.54 13.25
C GLN B 167 11.41 -32.78 14.49
N GLN B 168 12.27 -31.94 15.05
CA GLN B 168 11.93 -31.16 16.23
C GLN B 168 10.76 -30.23 15.97
N ALA B 169 10.77 -29.59 14.79
CA ALA B 169 9.68 -28.74 14.32
C ALA B 169 8.34 -29.50 14.33
N ILE B 170 8.34 -30.68 13.69
CA ILE B 170 7.17 -31.55 13.63
C ILE B 170 6.70 -31.95 15.05
N ASN B 171 7.66 -32.31 15.91
CA ASN B 171 7.38 -32.70 17.30
C ASN B 171 6.76 -31.57 18.14
N LYS B 172 7.35 -30.38 18.06
CA LYS B 172 6.86 -29.22 18.83
C LYS B 172 5.45 -28.80 18.44
N LEU B 173 5.14 -28.90 17.15
CA LEU B 173 3.86 -28.39 16.64
C LEU B 173 2.73 -29.41 16.62
N TRP B 174 3.06 -30.68 16.79
CA TRP B 174 2.08 -31.76 16.67
C TRP B 174 0.87 -31.59 17.61
N ARG B 175 1.10 -30.99 18.78
CA ARG B 175 0.05 -30.80 19.79
C ARG B 175 -1.06 -29.88 19.28
N PHE B 176 -0.79 -29.13 18.23
CA PHE B 176 -1.75 -28.18 17.69
C PHE B 176 -2.56 -28.73 16.51
N THR B 177 -2.34 -30.00 16.18
CA THR B 177 -2.95 -30.63 15.00
C THR B 177 -4.38 -31.15 15.20
N ALA B 178 -4.70 -31.59 16.42
CA ALA B 178 -6.04 -32.10 16.72
C ALA B 178 -7.15 -31.06 16.56
N GLU B 179 -6.83 -29.80 16.86
CA GLU B 179 -7.77 -28.67 16.68
C GLU B 179 -8.25 -28.48 15.22
N LEU B 180 -7.48 -28.98 14.26
CA LEU B 180 -7.84 -28.89 12.84
C LEU B 180 -9.12 -29.67 12.52
N PHE B 181 -9.38 -30.69 13.33
CA PHE B 181 -10.47 -31.62 13.06
C PHE B 181 -11.53 -31.57 14.15
N ASP B 182 -11.42 -30.59 15.03
CA ASP B 182 -12.40 -30.37 16.08
C ASP B 182 -13.62 -29.66 15.52
N ALA B 183 -14.81 -30.16 15.87
CA ALA B 183 -16.06 -29.56 15.40
C ALA B 183 -16.92 -29.07 16.58
N ASP B 184 -17.23 -27.78 16.59
CA ASP B 184 -18.07 -27.20 17.64
C ASP B 184 -19.52 -27.04 17.17
N GLU B 185 -20.38 -26.46 18.01
CA GLU B 185 -21.81 -26.27 17.68
C GLU B 185 -22.00 -25.63 16.30
N ILE B 186 -21.25 -24.58 16.04
CA ILE B 186 -21.32 -23.83 14.80
C ILE B 186 -20.96 -24.71 13.58
N ASP B 187 -19.83 -25.40 13.67
CA ASP B 187 -19.39 -26.33 12.62
C ASP B 187 -20.48 -27.32 12.25
N ILE B 188 -21.03 -28.01 13.25
CA ILE B 188 -22.03 -29.06 13.04
C ILE B 188 -23.31 -28.49 12.43
N ALA B 189 -23.86 -27.44 13.06
CA ALA B 189 -25.12 -26.82 12.60
C ALA B 189 -25.06 -26.40 11.14
N LEU B 190 -23.99 -25.67 10.77
CA LEU B 190 -23.80 -25.21 9.40
C LEU B 190 -23.42 -26.33 8.41
N SER B 191 -22.77 -27.39 8.92
CA SER B 191 -22.42 -28.57 8.11
C SER B 191 -23.65 -29.30 7.58
N GLU B 192 -24.57 -29.63 8.48
CA GLU B 192 -25.80 -30.31 8.08
C GLU B 192 -26.72 -29.39 7.29
N GLU B 193 -26.37 -28.10 7.23
CA GLU B 193 -27.06 -27.15 6.36
C GLU B 193 -26.39 -27.05 4.98
N GLY B 194 -25.29 -27.79 4.82
CA GLY B 194 -24.53 -27.81 3.57
C GLY B 194 -23.67 -26.58 3.34
N ILE B 195 -23.68 -25.66 4.31
CA ILE B 195 -22.94 -24.40 4.22
C ILE B 195 -21.49 -24.54 4.64
N ALA B 196 -21.26 -25.17 5.80
CA ALA B 196 -19.90 -25.36 6.33
C ALA B 196 -19.36 -26.75 6.06
N VAL B 197 -18.04 -26.89 6.15
CA VAL B 197 -17.41 -28.21 6.10
C VAL B 197 -17.17 -28.71 7.52
N ASP B 198 -17.60 -29.94 7.79
CA ASP B 198 -17.36 -30.61 9.06
C ASP B 198 -15.88 -30.97 9.18
N PRO B 199 -15.17 -30.36 10.16
CA PRO B 199 -13.71 -30.55 10.29
C PRO B 199 -13.31 -32.01 10.58
N ARG B 200 -14.22 -32.76 11.19
CA ARG B 200 -13.99 -34.17 11.46
C ARG B 200 -13.81 -34.98 10.19
N THR B 201 -14.44 -34.54 9.10
CA THR B 201 -14.38 -35.24 7.81
C THR B 201 -13.07 -34.97 7.07
N LEU B 202 -12.32 -33.98 7.54
CA LEU B 202 -11.07 -33.59 6.90
C LEU B 202 -9.90 -34.45 7.34
N ARG B 203 -10.09 -35.23 8.40
CA ARG B 203 -8.98 -35.94 9.06
C ARG B 203 -8.25 -36.95 8.15
N ALA B 204 -9.03 -37.85 7.53
CA ALA B 204 -8.48 -38.88 6.65
C ALA B 204 -7.63 -38.30 5.51
N ALA B 205 -8.15 -37.29 4.83
CA ALA B 205 -7.41 -36.62 3.76
C ALA B 205 -6.12 -35.98 4.27
N TRP B 206 -6.18 -35.35 5.45
CA TRP B 206 -5.01 -34.68 6.01
C TRP B 206 -3.93 -35.68 6.43
N GLU B 207 -4.35 -36.76 7.08
CA GLU B 207 -3.41 -37.80 7.52
C GLU B 207 -2.74 -38.50 6.34
N ALA B 208 -3.54 -38.87 5.32
CA ALA B 208 -3.03 -39.44 4.07
C ALA B 208 -1.91 -38.61 3.46
N GLU B 209 -2.05 -37.28 3.51
CA GLU B 209 -1.03 -36.37 3.01
C GLU B 209 0.15 -36.30 3.97
N VAL B 210 -0.15 -35.96 5.22
CA VAL B 210 0.86 -35.58 6.21
C VAL B 210 1.72 -36.74 6.70
N PHE B 211 1.11 -37.88 7.00
CA PHE B 211 1.88 -39.05 7.41
C PHE B 211 2.83 -39.46 6.29
N ALA B 212 2.34 -39.42 5.06
CA ALA B 212 3.14 -39.77 3.89
C ALA B 212 4.32 -38.82 3.68
N GLY B 213 4.08 -37.53 3.82
CA GLY B 213 5.12 -36.51 3.64
C GLY B 213 6.21 -36.56 4.69
N ILE B 214 5.80 -36.76 5.95
CA ILE B 214 6.73 -36.90 7.09
C ILE B 214 7.70 -38.07 6.92
N ASN B 215 7.17 -39.24 6.58
CA ASN B 215 7.99 -40.45 6.38
C ASN B 215 8.87 -40.35 5.14
N GLU B 216 8.31 -39.82 4.06
CA GLU B 216 9.03 -39.56 2.80
C GLU B 216 10.24 -38.64 3.02
N ALA B 217 10.15 -37.80 4.05
CA ALA B 217 11.24 -36.92 4.47
C ALA B 217 12.27 -37.62 5.36
N THR B 218 12.12 -38.94 5.52
CA THR B 218 12.91 -39.79 6.43
C THR B 218 12.59 -39.59 7.92
N LEU B 219 11.50 -38.89 8.20
CA LEU B 219 11.14 -38.50 9.58
C LEU B 219 9.96 -39.28 10.17
N ASN B 220 9.78 -39.13 11.47
CA ASN B 220 8.81 -39.94 12.24
C ASN B 220 7.55 -39.18 12.58
N VAL B 221 6.41 -39.82 12.34
CA VAL B 221 5.12 -39.30 12.77
C VAL B 221 5.04 -39.40 14.29
N PRO B 222 4.83 -38.26 14.97
CA PRO B 222 4.78 -38.31 16.44
C PRO B 222 3.54 -39.02 16.93
N GLN B 223 3.63 -39.63 18.10
CA GLN B 223 2.46 -40.09 18.84
C GLN B 223 2.93 -40.33 20.27
N GLU B 224 2.71 -39.39 21.19
CA GLU B 224 1.96 -38.13 21.08
C GLU B 224 0.52 -38.31 21.55
N GLN B 225 0.12 -37.43 22.47
CA GLN B 225 -1.16 -37.58 23.14
C GLN B 225 -1.77 -36.22 23.46
N ALA B 226 -1.11 -35.46 24.33
CA ALA B 226 -1.67 -34.20 24.82
C ALA B 226 -1.78 -33.16 23.70
N TYR B 227 -3.02 -32.79 23.40
CA TYR B 227 -3.30 -31.77 22.39
C TYR B 227 -3.78 -30.47 23.02
N ARG B 228 -3.50 -29.36 22.34
CA ARG B 228 -3.94 -28.04 22.77
C ARG B 228 -5.05 -27.53 21.86
N THR B 229 -6.14 -27.07 22.47
CA THR B 229 -7.29 -26.54 21.77
C THR B 229 -7.79 -25.27 22.46
N GLY B 230 -8.63 -24.48 21.77
CA GLY B 230 -9.23 -23.28 22.36
C GLY B 230 -9.13 -22.02 21.52
N GLY B 231 -8.38 -22.08 20.42
CA GLY B 231 -8.20 -20.90 19.55
C GLY B 231 -9.51 -20.36 19.02
N LYS B 232 -10.39 -21.28 18.62
CA LYS B 232 -11.72 -20.94 18.09
C LYS B 232 -12.61 -20.28 19.15
N LYS B 233 -12.29 -20.51 20.42
CA LYS B 233 -13.05 -19.99 21.55
C LYS B 233 -12.47 -18.69 22.15
N GLY B 234 -11.44 -18.16 21.51
CA GLY B 234 -10.76 -16.97 22.00
C GLY B 234 -9.79 -17.27 23.13
N LEU B 235 -9.32 -18.52 23.18
CA LEU B 235 -8.36 -18.96 24.20
C LEU B 235 -7.05 -19.34 23.51
N HIS B 236 -6.08 -18.44 23.57
CA HIS B 236 -4.87 -18.58 22.77
C HIS B 236 -3.63 -18.89 23.62
N THR B 237 -2.54 -19.21 22.93
CA THR B 237 -1.26 -19.38 23.59
C THR B 237 -0.74 -17.99 23.99
N GLU B 238 0.42 -17.97 24.66
CA GLU B 238 1.11 -16.73 25.02
C GLU B 238 1.59 -15.90 23.80
N HIS B 239 1.49 -16.47 22.60
CA HIS B 239 2.06 -15.82 21.42
C HIS B 239 1.16 -14.79 20.70
N LEU B 240 -0.16 -15.00 20.73
CA LEU B 240 -1.07 -14.16 19.95
C LEU B 240 -1.09 -12.71 20.41
N GLY B 241 -1.29 -12.49 21.70
CA GLY B 241 -1.27 -11.15 22.29
C GLY B 241 -0.12 -10.27 21.79
N PRO B 242 1.14 -10.68 22.04
CA PRO B 242 2.31 -9.98 21.53
C PRO B 242 2.31 -9.71 20.03
N MET B 243 1.87 -10.68 19.22
CA MET B 243 1.82 -10.50 17.77
C MET B 243 0.82 -9.42 17.38
N LEU B 244 -0.33 -9.41 18.06
CA LEU B 244 -1.39 -8.45 17.76
C LEU B 244 -1.01 -7.02 18.12
N ALA B 245 -0.31 -6.83 19.24
CA ALA B 245 0.24 -5.53 19.61
C ALA B 245 1.19 -5.00 18.53
N GLU B 246 2.08 -5.88 18.06
CA GLU B 246 3.00 -5.56 16.96
C GLU B 246 2.24 -5.11 15.69
N MET B 247 1.25 -5.91 15.27
CA MET B 247 0.41 -5.60 14.09
C MET B 247 -0.01 -4.15 13.93
N GLN B 248 -0.12 -3.42 15.04
CA GLN B 248 -0.41 -1.98 15.03
C GLN B 248 0.44 -1.18 14.02
N TYR B 249 -0.21 -0.27 13.31
CA TYR B 249 0.43 0.53 12.26
C TYR B 249 1.30 1.63 12.86
N SER C 12 -36.37 10.25 2.15
CA SER C 12 -35.07 9.61 1.84
C SER C 12 -34.22 10.47 0.91
N ASN C 13 -34.87 11.21 0.02
CA ASN C 13 -34.15 12.08 -0.94
C ASN C 13 -33.33 13.19 -0.29
N GLN C 14 -33.85 13.76 0.80
CA GLN C 14 -33.12 14.81 1.53
C GLN C 14 -31.85 14.26 2.17
N LEU C 15 -32.00 13.14 2.88
CA LEU C 15 -30.89 12.45 3.51
C LEU C 15 -29.81 12.07 2.48
N THR C 16 -30.23 11.50 1.35
CA THR C 16 -29.32 11.15 0.26
C THR C 16 -28.52 12.36 -0.25
N ALA C 17 -29.21 13.46 -0.49
CA ALA C 17 -28.59 14.69 -0.99
C ALA C 17 -27.61 15.31 0.03
N TYR C 18 -27.97 15.26 1.30
CA TYR C 18 -27.11 15.74 2.37
C TYR C 18 -25.81 14.93 2.47
N THR C 19 -25.95 13.61 2.48
CA THR C 19 -24.82 12.69 2.54
C THR C 19 -23.92 12.90 1.33
N LEU C 20 -24.55 13.10 0.18
CA LEU C 20 -23.84 13.27 -1.07
C LEU C 20 -23.03 14.57 -1.12
N ARG C 21 -23.53 15.61 -0.47
CA ARG C 21 -22.83 16.89 -0.34
C ARG C 21 -21.53 16.71 0.42
N LEU C 22 -21.61 15.95 1.51
CA LEU C 22 -20.46 15.73 2.37
C LEU C 22 -19.42 14.89 1.63
N GLY C 23 -19.88 13.89 0.89
CA GLY C 23 -18.99 13.06 0.10
C GLY C 23 -18.30 13.84 -1.01
N ASP C 24 -19.08 14.67 -1.70
CA ASP C 24 -18.56 15.44 -2.85
C ASP C 24 -17.51 16.43 -2.38
N ASN C 25 -17.74 17.04 -1.22
CA ASN C 25 -16.76 17.93 -0.61
C ASN C 25 -15.41 17.24 -0.52
N CYS C 26 -15.43 16.04 0.08
CA CYS C 26 -14.21 15.25 0.31
C CYS C 26 -13.60 14.74 -0.99
N LEU C 27 -14.47 14.31 -1.91
CA LEU C 27 -14.01 13.81 -3.21
C LEU C 27 -13.26 14.87 -3.99
N VAL C 28 -13.87 16.05 -4.11
CA VAL C 28 -13.33 17.10 -4.93
C VAL C 28 -12.04 17.68 -4.34
N LEU C 29 -11.99 17.85 -3.03
CA LEU C 29 -10.75 18.33 -2.39
C LEU C 29 -9.61 17.32 -2.53
N SER C 30 -9.95 16.03 -2.43
CA SER C 30 -8.98 14.96 -2.62
C SER C 30 -8.36 15.03 -4.01
N GLN C 31 -9.20 15.27 -5.03
CA GLN C 31 -8.72 15.47 -6.40
C GLN C 31 -7.65 16.56 -6.48
N ARG C 32 -7.93 17.71 -5.87
CA ARG C 32 -7.01 18.84 -5.88
C ARG C 32 -5.68 18.48 -5.24
N LEU C 33 -5.76 17.84 -4.08
CA LEU C 33 -4.56 17.39 -3.38
C LEU C 33 -3.71 16.41 -4.21
N GLY C 34 -4.38 15.54 -4.96
CA GLY C 34 -3.72 14.57 -5.84
C GLY C 34 -2.81 15.21 -6.89
N GLU C 35 -3.19 16.40 -7.35
CA GLU C 35 -2.42 17.17 -8.33
C GLU C 35 -1.06 17.58 -7.77
N TRP C 36 -0.95 17.69 -6.44
CA TRP C 36 0.30 18.10 -5.78
C TRP C 36 1.42 17.06 -5.77
N CYS C 37 1.05 15.80 -5.96
CA CYS C 37 1.95 14.66 -5.85
C CYS C 37 3.23 14.86 -6.65
N GLY C 38 4.34 15.01 -5.92
CA GLY C 38 5.63 15.12 -6.56
C GLY C 38 6.03 16.54 -6.88
N HIS C 39 5.15 17.49 -6.54
CA HIS C 39 5.36 18.89 -6.91
C HIS C 39 5.55 19.79 -5.68
N ALA C 40 5.63 19.20 -4.48
CA ALA C 40 5.61 19.97 -3.24
C ALA C 40 6.96 20.61 -2.93
N PRO C 41 6.97 21.65 -2.06
CA PRO C 41 8.23 22.31 -1.68
C PRO C 41 9.24 21.38 -1.00
N GLU C 42 8.76 20.32 -0.35
CA GLU C 42 9.62 19.36 0.37
C GLU C 42 8.99 17.99 0.31
N LEU C 43 9.82 16.95 0.35
CA LEU C 43 9.34 15.57 0.34
C LEU C 43 8.35 15.30 1.49
N GLU C 44 8.65 15.80 2.68
CA GLU C 44 7.75 15.74 3.83
C GLU C 44 6.35 16.31 3.54
N ILE C 45 6.32 17.42 2.81
CA ILE C 45 5.04 17.99 2.35
C ILE C 45 4.34 17.11 1.31
N ASP C 46 5.07 16.57 0.33
CA ASP C 46 4.49 15.62 -0.65
C ASP C 46 3.78 14.49 0.12
N LEU C 47 4.47 13.98 1.13
CA LEU C 47 3.94 12.90 1.98
C LEU C 47 2.65 13.35 2.68
N ALA C 48 2.71 14.49 3.34
CA ALA C 48 1.57 15.03 4.09
C ALA C 48 0.31 15.23 3.24
N LEU C 49 0.50 15.75 2.02
CA LEU C 49 -0.61 16.05 1.13
C LEU C 49 -1.23 14.78 0.55
N ALA C 50 -0.39 13.80 0.25
CA ALA C 50 -0.88 12.52 -0.25
C ALA C 50 -1.71 11.84 0.85
N ASN C 51 -1.21 11.91 2.08
CA ASN C 51 -1.88 11.41 3.28
C ASN C 51 -3.27 12.06 3.49
N ILE C 52 -3.31 13.37 3.42
CA ILE C 52 -4.56 14.11 3.63
C ILE C 52 -5.55 13.76 2.51
N GLY C 53 -5.07 13.77 1.28
CA GLY C 53 -5.90 13.43 0.13
C GLY C 53 -6.45 12.02 0.20
N LEU C 54 -5.64 11.08 0.69
CA LEU C 54 -6.10 9.71 0.90
C LEU C 54 -7.17 9.61 1.99
N ASP C 55 -6.96 10.30 3.11
CA ASP C 55 -8.00 10.39 4.16
C ASP C 55 -9.33 10.90 3.57
N LEU C 56 -9.28 12.07 2.93
CA LEU C 56 -10.46 12.68 2.34
C LEU C 56 -11.14 11.77 1.32
N LEU C 57 -10.35 11.08 0.50
CA LEU C 57 -10.91 10.12 -0.47
C LEU C 57 -11.63 8.97 0.23
N GLY C 58 -11.02 8.42 1.28
CA GLY C 58 -11.68 7.40 2.12
C GLY C 58 -13.03 7.88 2.65
N GLN C 59 -13.06 9.12 3.15
CA GLN C 59 -14.31 9.76 3.62
C GLN C 59 -15.34 9.89 2.50
N ALA C 60 -14.87 10.31 1.33
CA ALA C 60 -15.72 10.41 0.16
C ALA C 60 -16.33 9.05 -0.15
N ARG C 61 -15.51 8.01 -0.11
CA ARG C 61 -15.98 6.65 -0.39
C ARG C 61 -17.06 6.19 0.59
N ASN C 62 -16.89 6.58 1.86
CA ASN C 62 -17.85 6.26 2.92
C ASN C 62 -19.20 6.96 2.69
N PHE C 63 -19.17 8.28 2.54
CA PHE C 63 -20.39 9.06 2.29
C PHE C 63 -21.09 8.65 0.99
N LEU C 64 -20.32 8.58 -0.11
CA LEU C 64 -20.87 8.18 -1.41
C LEU C 64 -21.47 6.77 -1.37
N SER C 65 -20.77 5.83 -0.73
CA SER C 65 -21.32 4.49 -0.58
C SER C 65 -22.66 4.50 0.14
N TYR C 66 -22.75 5.28 1.21
CA TYR C 66 -23.99 5.41 1.96
C TYR C 66 -25.10 6.04 1.10
N ALA C 67 -24.76 7.08 0.34
CA ALA C 67 -25.70 7.74 -0.55
C ALA C 67 -26.29 6.79 -1.59
N ALA C 68 -25.46 5.90 -2.11
CA ALA C 68 -25.89 4.89 -3.06
C ALA C 68 -26.82 3.85 -2.40
N GLU C 69 -26.47 3.45 -1.18
CA GLU C 69 -27.31 2.54 -0.41
C GLU C 69 -28.67 3.22 -0.14
N LEU C 70 -28.63 4.49 0.26
CA LEU C 70 -29.86 5.26 0.52
C LEU C 70 -30.77 5.34 -0.70
N ALA C 71 -30.17 5.61 -1.85
CA ALA C 71 -30.90 5.70 -3.12
C ALA C 71 -31.37 4.35 -3.65
N GLY C 72 -30.73 3.27 -3.22
CA GLY C 72 -31.09 1.91 -3.64
C GLY C 72 -30.55 1.48 -5.01
N GLU C 73 -29.59 2.23 -5.53
CA GLU C 73 -28.96 1.94 -6.82
C GLU C 73 -27.59 2.60 -6.89
N GLY C 74 -26.75 2.14 -7.83
CA GLY C 74 -25.41 2.70 -8.01
C GLY C 74 -24.44 2.36 -6.89
N ASP C 75 -23.28 3.01 -6.90
CA ASP C 75 -22.26 2.82 -5.88
C ASP C 75 -21.37 4.04 -5.92
N GLU C 76 -20.25 4.02 -5.19
CA GLU C 76 -19.38 5.19 -5.13
C GLU C 76 -18.81 5.57 -6.50
N ASP C 77 -18.70 4.60 -7.40
CA ASP C 77 -18.11 4.86 -8.72
C ASP C 77 -19.11 5.43 -9.71
N THR C 78 -20.34 4.90 -9.72
CA THR C 78 -21.41 5.53 -10.54
C THR C 78 -21.59 7.00 -10.10
N LEU C 79 -21.56 7.22 -8.79
CA LEU C 79 -21.71 8.59 -8.27
C LEU C 79 -20.55 9.51 -8.64
N ALA C 80 -19.32 9.03 -8.51
CA ALA C 80 -18.16 9.87 -8.77
C ALA C 80 -17.97 10.10 -10.26
N PHE C 81 -18.28 9.09 -11.08
CA PHE C 81 -17.89 9.14 -12.50
C PHE C 81 -18.99 9.36 -13.53
N THR C 82 -20.26 9.26 -13.13
CA THR C 82 -21.35 9.40 -14.09
C THR C 82 -22.29 10.59 -13.81
N ARG C 83 -21.96 11.41 -12.82
CA ARG C 83 -22.69 12.66 -12.60
C ARG C 83 -21.91 13.80 -13.28
N ASP C 84 -22.61 14.80 -13.79
CA ASP C 84 -21.94 15.97 -14.36
C ASP C 84 -21.86 17.12 -13.36
N GLU C 85 -21.34 18.26 -13.82
CA GLU C 85 -21.07 19.37 -12.91
C GLU C 85 -22.33 20.02 -12.33
N ARG C 86 -23.47 19.86 -13.00
CA ARG C 86 -24.73 20.37 -12.46
C ARG C 86 -25.35 19.45 -11.39
N GLN C 87 -24.83 18.23 -11.27
CA GLN C 87 -25.28 17.29 -10.23
C GLN C 87 -24.34 17.23 -9.03
N PHE C 88 -23.05 17.47 -9.27
CA PHE C 88 -22.06 17.57 -8.18
C PHE C 88 -22.48 18.65 -7.17
N SER C 89 -22.28 18.36 -5.89
CA SER C 89 -22.86 19.18 -4.85
C SER C 89 -21.85 19.62 -3.82
N ASN C 90 -20.58 19.65 -4.23
CA ASN C 90 -19.48 20.04 -3.35
C ASN C 90 -19.46 21.55 -3.11
N LEU C 91 -18.88 21.96 -1.98
CA LEU C 91 -18.61 23.36 -1.72
C LEU C 91 -17.75 23.96 -2.82
N LEU C 92 -18.04 25.21 -3.17
CA LEU C 92 -17.22 25.95 -4.13
C LEU C 92 -15.77 26.06 -3.67
N LEU C 93 -15.59 26.05 -2.35
CA LEU C 93 -14.26 26.18 -1.77
C LEU C 93 -13.30 25.05 -2.16
N VAL C 94 -13.80 23.82 -2.21
CA VAL C 94 -12.92 22.68 -2.44
C VAL C 94 -12.51 22.54 -3.92
N GLU C 95 -13.23 23.22 -4.81
CA GLU C 95 -12.92 23.17 -6.25
C GLU C 95 -11.96 24.27 -6.70
N GLN C 96 -11.62 25.17 -5.78
CA GLN C 96 -10.68 26.24 -6.09
C GLN C 96 -9.33 25.67 -6.52
N PRO C 97 -8.68 26.31 -7.52
CA PRO C 97 -7.41 25.69 -7.94
C PRO C 97 -6.36 25.71 -6.82
N ASN C 98 -5.37 24.82 -6.91
CA ASN C 98 -4.31 24.73 -5.90
C ASN C 98 -3.50 26.03 -5.76
N GLY C 99 -3.30 26.73 -6.87
CA GLY C 99 -2.47 27.93 -6.91
C GLY C 99 -1.10 27.67 -6.30
N ASN C 100 -0.54 28.67 -5.62
CA ASN C 100 0.70 28.46 -4.89
C ASN C 100 0.45 27.72 -3.57
N PHE C 101 1.52 27.44 -2.81
CA PHE C 101 1.39 26.64 -1.59
C PHE C 101 0.50 27.31 -0.54
N ALA C 102 0.57 28.64 -0.45
CA ALA C 102 -0.28 29.38 0.48
C ALA C 102 -1.75 29.27 0.12
N ASP C 103 -2.06 29.26 -1.18
CA ASP C 103 -3.43 29.11 -1.66
C ASP C 103 -3.99 27.75 -1.25
N THR C 104 -3.14 26.72 -1.35
CA THR C 104 -3.51 25.36 -0.98
C THR C 104 -3.74 25.24 0.53
N ILE C 105 -2.86 25.92 1.29
CA ILE C 105 -2.90 25.91 2.76
C ILE C 105 -4.13 26.66 3.28
N ALA C 106 -4.41 27.84 2.72
CA ALA C 106 -5.62 28.59 3.08
C ALA C 106 -6.91 27.77 2.88
N ARG C 107 -7.04 27.15 1.70
CA ARG C 107 -8.20 26.31 1.36
C ARG C 107 -8.32 25.13 2.34
N GLN C 108 -7.18 24.49 2.60
CA GLN C 108 -7.12 23.35 3.51
C GLN C 108 -7.52 23.74 4.94
N TYR C 109 -6.95 24.84 5.41
CA TYR C 109 -7.24 25.31 6.77
C TYR C 109 -8.71 25.66 6.97
N PHE C 110 -9.31 26.35 5.99
CA PHE C 110 -10.73 26.70 6.09
C PHE C 110 -11.60 25.45 6.16
N ILE C 111 -11.26 24.45 5.34
CA ILE C 111 -12.02 23.21 5.28
C ILE C 111 -11.84 22.36 6.54
N ASP C 112 -10.59 22.23 7.01
CA ASP C 112 -10.28 21.42 8.17
C ASP C 112 -10.99 21.94 9.42
N ALA C 113 -10.92 23.25 9.65
CA ALA C 113 -11.63 23.85 10.78
C ALA C 113 -13.11 23.49 10.68
N TRP C 114 -13.66 23.58 9.48
CA TRP C 114 -15.09 23.27 9.26
C TRP C 114 -15.38 21.80 9.50
N HIS C 115 -14.54 20.91 8.96
CA HIS C 115 -14.68 19.46 9.16
C HIS C 115 -14.64 19.08 10.64
N VAL C 116 -13.69 19.65 11.39
CA VAL C 116 -13.59 19.40 12.83
C VAL C 116 -14.86 19.83 13.56
N ALA C 117 -15.32 21.06 13.32
CA ALA C 117 -16.60 21.53 13.89
C ALA C 117 -17.79 20.67 13.45
N LEU C 118 -17.84 20.30 12.17
CA LEU C 118 -18.97 19.52 11.63
C LEU C 118 -18.99 18.10 12.18
N PHE C 119 -17.91 17.36 11.96
CA PHE C 119 -17.83 15.96 12.34
C PHE C 119 -17.96 15.75 13.84
N THR C 120 -17.47 16.70 14.64
CA THR C 120 -17.68 16.67 16.09
C THR C 120 -19.15 16.56 16.43
N ARG C 121 -19.98 17.31 15.73
CA ARG C 121 -21.40 17.34 16.04
C ARG C 121 -22.19 16.26 15.30
N LEU C 122 -21.72 15.92 14.09
CA LEU C 122 -22.39 14.93 13.25
C LEU C 122 -22.22 13.51 13.79
N MET C 123 -21.20 13.27 14.61
CA MET C 123 -21.11 11.97 15.30
C MET C 123 -22.17 11.80 16.38
N GLU C 124 -22.96 12.84 16.64
CA GLU C 124 -24.14 12.72 17.51
C GLU C 124 -25.44 12.63 16.69
N SER C 125 -25.32 12.34 15.39
CA SER C 125 -26.47 12.21 14.50
C SER C 125 -27.42 11.10 14.96
N ARG C 126 -28.72 11.31 14.77
CA ARG C 126 -29.69 10.25 14.99
C ARG C 126 -29.62 9.17 13.90
N ASP C 127 -28.98 9.49 12.77
CA ASP C 127 -28.67 8.51 11.73
C ASP C 127 -27.36 7.81 12.12
N PRO C 128 -27.43 6.50 12.45
CA PRO C 128 -26.25 5.78 12.94
C PRO C 128 -25.09 5.73 11.94
N GLN C 129 -25.41 5.55 10.65
CA GLN C 129 -24.36 5.47 9.63
C GLN C 129 -23.63 6.80 9.50
N LEU C 130 -24.37 7.91 9.53
CA LEU C 130 -23.75 9.23 9.49
C LEU C 130 -22.90 9.47 10.73
N ALA C 131 -23.41 9.08 11.88
CA ALA C 131 -22.69 9.16 13.14
C ALA C 131 -21.38 8.36 13.05
N ALA C 132 -21.47 7.13 12.54
CA ALA C 132 -20.31 6.25 12.43
C ALA C 132 -19.27 6.77 11.43
N ILE C 133 -19.73 7.25 10.27
CA ILE C 133 -18.81 7.82 9.26
C ILE C 133 -18.07 9.03 9.84
N SER C 134 -18.81 9.87 10.55
CA SER C 134 -18.28 11.09 11.17
C SER C 134 -17.30 10.79 12.31
N ALA C 135 -17.55 9.71 13.04
CA ALA C 135 -16.66 9.28 14.12
C ALA C 135 -15.28 8.88 13.59
N LYS C 136 -15.25 8.21 12.45
CA LYS C 136 -13.98 7.93 11.78
C LYS C 136 -13.35 9.23 11.25
N ALA C 137 -14.12 9.99 10.47
CA ALA C 137 -13.61 11.21 9.80
C ALA C 137 -13.04 12.26 10.76
N ILE C 138 -13.65 12.42 11.93
CA ILE C 138 -13.18 13.42 12.90
C ILE C 138 -11.71 13.20 13.33
N LYS C 139 -11.34 11.95 13.53
CA LYS C 139 -9.98 11.61 13.96
C LYS C 139 -8.98 12.06 12.90
N GLU C 140 -9.35 11.88 11.64
CA GLU C 140 -8.52 12.33 10.52
C GLU C 140 -8.52 13.85 10.38
N ALA C 141 -9.71 14.46 10.42
CA ALA C 141 -9.82 15.92 10.32
C ALA C 141 -8.95 16.63 11.36
N ARG C 142 -8.83 16.07 12.56
CA ARG C 142 -7.97 16.65 13.59
C ARG C 142 -6.49 16.67 13.18
N TYR C 143 -6.02 15.58 12.58
CA TYR C 143 -4.68 15.53 12.01
C TYR C 143 -4.52 16.61 10.92
N HIS C 144 -5.53 16.74 10.06
CA HIS C 144 -5.46 17.69 8.94
C HIS C 144 -5.35 19.13 9.44
N LEU C 145 -6.16 19.47 10.45
CA LEU C 145 -6.15 20.80 11.04
C LEU C 145 -4.81 21.17 11.67
N ARG C 146 -4.16 20.22 12.34
CA ARG C 146 -2.82 20.45 12.90
C ARG C 146 -1.82 20.82 11.80
N PHE C 147 -1.86 20.08 10.69
CA PHE C 147 -0.98 20.34 9.56
C PHE C 147 -1.27 21.69 8.89
N SER C 148 -2.55 21.97 8.63
CA SER C 148 -2.94 23.19 7.91
C SER C 148 -2.74 24.44 8.77
N ARG C 149 -3.18 24.38 10.02
CA ARG C 149 -2.91 25.47 10.95
C ARG C 149 -1.41 25.68 11.18
N GLY C 150 -0.67 24.58 11.33
CA GLY C 150 0.79 24.65 11.47
C GLY C 150 1.44 25.42 10.33
N TRP C 151 1.03 25.13 9.09
CA TRP C 151 1.57 25.83 7.93
C TRP C 151 1.08 27.27 7.78
N LEU C 152 -0.17 27.51 8.19
CA LEU C 152 -0.71 28.87 8.25
C LEU C 152 0.22 29.75 9.11
N GLU C 153 0.62 29.21 10.26
CA GLU C 153 1.48 29.94 11.19
C GLU C 153 2.90 30.11 10.66
N ARG C 154 3.44 29.05 10.06
CA ARG C 154 4.79 29.09 9.51
C ARG C 154 4.91 30.07 8.35
N LEU C 155 3.92 30.10 7.47
CA LEU C 155 3.95 31.01 6.32
C LEU C 155 3.59 32.45 6.73
N GLY C 156 2.49 32.60 7.48
CA GLY C 156 2.07 33.90 7.98
C GLY C 156 3.11 34.59 8.85
N ASN C 157 3.76 33.81 9.70
CA ASN C 157 4.79 34.34 10.61
C ASN C 157 6.18 33.80 10.25
N GLY C 158 6.47 33.78 8.95
CA GLY C 158 7.76 33.31 8.45
C GLY C 158 8.60 34.49 8.02
N THR C 159 8.60 34.74 6.71
CA THR C 159 9.28 35.89 6.12
C THR C 159 8.22 36.90 5.69
N ASP C 160 8.66 38.11 5.33
CA ASP C 160 7.81 39.12 4.72
C ASP C 160 7.08 38.55 3.50
N VAL C 161 7.85 37.90 2.62
CA VAL C 161 7.34 37.31 1.39
C VAL C 161 6.25 36.26 1.67
N SER C 162 6.53 35.33 2.58
CA SER C 162 5.58 34.27 2.91
C SER C 162 4.35 34.83 3.62
N GLY C 163 4.55 35.86 4.44
CA GLY C 163 3.48 36.57 5.12
C GLY C 163 2.52 37.26 4.17
N GLN C 164 3.06 37.84 3.10
CA GLN C 164 2.27 38.47 2.04
C GLN C 164 1.45 37.43 1.28
N LYS C 165 2.10 36.34 0.88
CA LYS C 165 1.45 35.28 0.12
C LYS C 165 0.30 34.64 0.91
N MET C 166 0.52 34.42 2.20
CA MET C 166 -0.49 33.82 3.07
C MET C 166 -1.70 34.74 3.25
N GLN C 167 -1.46 36.04 3.40
CA GLN C 167 -2.54 37.02 3.46
C GLN C 167 -3.34 37.02 2.16
N GLN C 168 -2.64 37.16 1.02
CA GLN C 168 -3.28 37.10 -0.29
C GLN C 168 -4.12 35.83 -0.46
N ALA C 169 -3.56 34.69 -0.05
CA ALA C 169 -4.26 33.41 -0.17
C ALA C 169 -5.57 33.43 0.62
N ILE C 170 -5.49 33.92 1.86
CA ILE C 170 -6.66 34.07 2.71
C ILE C 170 -7.71 35.00 2.06
N ASN C 171 -7.25 36.16 1.58
CA ASN C 171 -8.11 37.16 0.96
C ASN C 171 -8.84 36.65 -0.27
N LYS C 172 -8.11 35.89 -1.07
CA LYS C 172 -8.59 35.39 -2.35
C LYS C 172 -9.67 34.33 -2.14
N LEU C 173 -9.57 33.57 -1.05
CA LEU C 173 -10.54 32.51 -0.79
C LEU C 173 -11.74 32.91 0.04
N TRP C 174 -11.67 34.05 0.73
CA TRP C 174 -12.66 34.42 1.75
C TRP C 174 -14.14 34.40 1.30
N ARG C 175 -14.42 34.91 0.11
CA ARG C 175 -15.80 35.01 -0.38
C ARG C 175 -16.54 33.66 -0.42
N PHE C 176 -15.78 32.57 -0.53
CA PHE C 176 -16.36 31.23 -0.58
C PHE C 176 -16.69 30.64 0.79
N THR C 177 -16.30 31.31 1.88
CA THR C 177 -16.54 30.80 3.23
C THR C 177 -18.02 30.92 3.65
N ALA C 178 -18.76 31.83 3.00
CA ALA C 178 -20.19 31.99 3.25
C ALA C 178 -20.95 30.66 3.15
N GLU C 179 -20.57 29.84 2.18
CA GLU C 179 -21.23 28.55 1.91
C GLU C 179 -21.08 27.53 3.04
N LEU C 180 -20.03 27.69 3.84
CA LEU C 180 -19.80 26.84 5.02
C LEU C 180 -20.92 26.96 6.04
N PHE C 181 -21.62 28.09 6.03
CA PHE C 181 -22.65 28.35 7.03
C PHE C 181 -24.05 28.56 6.41
N ASP C 182 -24.14 28.35 5.10
CA ASP C 182 -25.39 28.36 4.34
C ASP C 182 -26.28 27.19 4.74
N ALA C 183 -27.53 27.48 5.07
CA ALA C 183 -28.50 26.44 5.32
C ALA C 183 -29.59 26.50 4.26
N ASP C 184 -29.92 25.35 3.68
CA ASP C 184 -31.10 25.26 2.83
C ASP C 184 -32.13 24.35 3.48
N GLU C 185 -33.26 24.13 2.81
CA GLU C 185 -34.35 23.35 3.39
C GLU C 185 -33.98 21.90 3.70
N ILE C 186 -33.05 21.33 2.94
CA ILE C 186 -32.51 19.99 3.23
C ILE C 186 -31.75 19.98 4.57
N ASP C 187 -30.80 20.92 4.73
CA ASP C 187 -30.11 21.13 6.00
C ASP C 187 -31.09 21.26 7.16
N ILE C 188 -32.04 22.17 7.02
CA ILE C 188 -32.93 22.55 8.11
C ILE C 188 -33.87 21.41 8.51
N ALA C 189 -34.51 20.78 7.52
CA ALA C 189 -35.45 19.69 7.80
C ALA C 189 -34.75 18.52 8.49
N LEU C 190 -33.57 18.16 8.01
CA LEU C 190 -32.81 17.05 8.60
C LEU C 190 -32.27 17.39 9.99
N SER C 191 -31.86 18.64 10.16
CA SER C 191 -31.40 19.16 11.45
C SER C 191 -32.52 19.18 12.49
N GLU C 192 -33.74 19.42 12.03
CA GLU C 192 -34.89 19.38 12.94
C GLU C 192 -35.22 17.96 13.38
N GLU C 193 -34.79 16.98 12.58
CA GLU C 193 -34.99 15.57 12.90
C GLU C 193 -33.82 15.00 13.71
N GLY C 194 -32.84 15.85 14.02
CA GLY C 194 -31.63 15.44 14.73
C GLY C 194 -30.68 14.61 13.89
N ILE C 195 -30.79 14.72 12.58
CA ILE C 195 -30.00 13.92 11.65
C ILE C 195 -28.81 14.71 11.12
N ALA C 196 -29.07 15.92 10.62
CA ALA C 196 -28.00 16.76 10.06
C ALA C 196 -27.65 17.87 11.02
N VAL C 197 -26.51 18.50 10.77
CA VAL C 197 -26.09 19.67 11.53
C VAL C 197 -26.52 20.89 10.72
N ASP C 198 -27.22 21.81 11.39
CA ASP C 198 -27.57 23.10 10.79
C ASP C 198 -26.29 23.93 10.62
N PRO C 199 -25.81 24.09 9.37
CA PRO C 199 -24.52 24.74 9.09
C PRO C 199 -24.38 26.14 9.70
N ARG C 200 -25.50 26.83 9.89
CA ARG C 200 -25.51 28.16 10.50
C ARG C 200 -24.94 28.13 11.92
N THR C 201 -25.17 27.02 12.61
CA THR C 201 -24.73 26.84 14.00
C THR C 201 -23.24 26.42 14.10
N LEU C 202 -22.58 26.27 12.94
CA LEU C 202 -21.15 25.97 12.90
C LEU C 202 -20.26 27.20 12.94
N ARG C 203 -20.84 28.38 12.72
CA ARG C 203 -20.07 29.61 12.54
C ARG C 203 -19.24 30.02 13.76
N ALA C 204 -19.84 29.96 14.94
CA ALA C 204 -19.15 30.31 16.18
C ALA C 204 -17.85 29.52 16.34
N ALA C 205 -17.93 28.19 16.26
CA ALA C 205 -16.75 27.34 16.39
C ALA C 205 -15.75 27.52 15.23
N TRP C 206 -16.25 27.69 14.01
CA TRP C 206 -15.34 27.87 12.87
C TRP C 206 -14.58 29.20 13.02
N GLU C 207 -15.29 30.27 13.38
CA GLU C 207 -14.69 31.59 13.59
C GLU C 207 -13.75 31.61 14.81
N ALA C 208 -14.13 30.96 15.91
CA ALA C 208 -13.24 30.83 17.06
C ALA C 208 -11.89 30.22 16.65
N GLU C 209 -11.92 29.10 15.92
CA GLU C 209 -10.72 28.48 15.41
C GLU C 209 -9.98 29.40 14.42
N VAL C 210 -10.64 29.78 13.33
CA VAL C 210 -9.98 30.45 12.20
C VAL C 210 -9.49 31.87 12.52
N PHE C 211 -10.33 32.64 13.21
CA PHE C 211 -9.95 33.98 13.68
C PHE C 211 -8.67 33.94 14.54
N ALA C 212 -8.63 32.98 15.47
CA ALA C 212 -7.47 32.79 16.34
C ALA C 212 -6.23 32.38 15.56
N GLY C 213 -6.40 31.44 14.62
CA GLY C 213 -5.30 30.95 13.78
C GLY C 213 -4.67 32.04 12.92
N ILE C 214 -5.52 32.84 12.27
CA ILE C 214 -5.10 33.97 11.45
C ILE C 214 -4.35 35.00 12.30
N ASN C 215 -4.90 35.34 13.47
CA ASN C 215 -4.24 36.26 14.38
C ASN C 215 -2.89 35.73 14.86
N GLU C 216 -2.84 34.46 15.26
CA GLU C 216 -1.59 33.84 15.73
C GLU C 216 -0.52 33.84 14.63
N ALA C 217 -0.96 33.65 13.39
CA ALA C 217 -0.10 33.70 12.21
C ALA C 217 0.35 35.12 11.85
N THR C 218 -0.04 36.10 12.66
CA THR C 218 0.22 37.54 12.45
C THR C 218 -0.45 38.07 11.19
N LEU C 219 -1.67 37.64 10.93
CA LEU C 219 -2.39 38.05 9.75
C LEU C 219 -3.73 38.71 10.10
N ASN C 220 -4.39 39.25 9.08
CA ASN C 220 -5.66 39.94 9.24
C ASN C 220 -6.83 39.14 8.72
N VAL C 221 -7.90 39.09 9.52
CA VAL C 221 -9.18 38.57 9.06
C VAL C 221 -9.66 39.52 7.96
N PRO C 222 -9.98 38.99 6.77
CA PRO C 222 -10.48 39.83 5.67
C PRO C 222 -11.77 40.54 6.07
N GLN C 223 -11.96 41.76 5.58
CA GLN C 223 -13.15 42.55 5.95
C GLN C 223 -14.30 42.39 4.95
N GLU C 224 -13.98 41.98 3.73
CA GLU C 224 -15.00 41.65 2.72
C GLU C 224 -16.02 40.67 3.31
N GLN C 225 -17.30 41.02 3.22
CA GLN C 225 -18.38 40.11 3.56
C GLN C 225 -18.43 38.97 2.55
N ALA C 226 -18.23 37.74 3.00
CA ALA C 226 -18.29 36.56 2.14
C ALA C 226 -19.68 36.42 1.50
N TYR C 227 -19.72 36.12 0.20
CA TYR C 227 -20.99 36.18 -0.54
C TYR C 227 -21.22 35.05 -1.54
N ARG C 228 -20.24 34.16 -1.71
CA ARG C 228 -20.34 33.15 -2.77
C ARG C 228 -20.87 31.81 -2.28
N THR C 229 -22.00 31.41 -2.86
CA THR C 229 -22.58 30.09 -2.62
C THR C 229 -23.09 29.50 -3.94
N GLY C 230 -23.46 28.23 -3.92
CA GLY C 230 -24.15 27.61 -5.06
C GLY C 230 -23.72 26.18 -5.30
N GLY C 231 -22.52 25.84 -4.82
CA GLY C 231 -21.95 24.52 -5.05
C GLY C 231 -22.90 23.40 -4.68
N LYS C 232 -23.57 23.56 -3.54
CA LYS C 232 -24.53 22.58 -3.03
C LYS C 232 -25.73 22.35 -3.96
N LYS C 233 -26.05 23.34 -4.79
CA LYS C 233 -27.17 23.24 -5.72
C LYS C 233 -26.71 22.86 -7.13
N GLY C 234 -25.44 22.47 -7.26
CA GLY C 234 -24.85 22.15 -8.56
C GLY C 234 -24.57 23.36 -9.43
N LEU C 235 -24.39 24.51 -8.79
CA LEU C 235 -24.10 25.76 -9.48
C LEU C 235 -22.68 26.15 -9.12
N HIS C 236 -21.74 25.70 -9.94
CA HIS C 236 -20.32 25.77 -9.61
C HIS C 236 -19.59 26.93 -10.24
N THR C 237 -18.33 27.13 -9.85
CA THR C 237 -17.43 28.01 -10.60
C THR C 237 -17.06 27.27 -11.88
N GLU C 238 -16.43 27.97 -12.81
CA GLU C 238 -15.93 27.36 -14.04
C GLU C 238 -14.73 26.41 -13.84
N HIS C 239 -14.36 26.21 -12.58
CA HIS C 239 -13.27 25.28 -12.26
C HIS C 239 -13.71 23.83 -12.27
N LEU C 240 -14.97 23.56 -11.94
CA LEU C 240 -15.37 22.18 -11.74
C LEU C 240 -15.42 21.37 -13.03
N GLY C 241 -16.00 21.92 -14.08
CA GLY C 241 -16.11 21.19 -15.35
C GLY C 241 -14.82 20.54 -15.83
N PRO C 242 -13.73 21.32 -15.94
CA PRO C 242 -12.42 20.78 -16.34
C PRO C 242 -11.88 19.71 -15.37
N MET C 243 -12.15 19.86 -14.07
CA MET C 243 -11.80 18.83 -13.08
C MET C 243 -12.47 17.48 -13.39
N LEU C 244 -13.77 17.51 -13.68
CA LEU C 244 -14.53 16.29 -13.94
C LEU C 244 -14.15 15.68 -15.28
N ALA C 245 -13.84 16.54 -16.25
CA ALA C 245 -13.38 16.04 -17.54
C ALA C 245 -12.18 15.13 -17.31
N GLU C 246 -11.24 15.59 -16.51
CA GLU C 246 -10.00 14.87 -16.23
C GLU C 246 -10.31 13.65 -15.36
N MET C 247 -11.05 13.88 -14.28
CA MET C 247 -11.37 12.81 -13.35
C MET C 247 -12.13 11.66 -14.00
N GLN C 248 -13.08 11.98 -14.88
CA GLN C 248 -14.00 10.96 -15.39
C GLN C 248 -13.64 10.35 -16.76
N TYR C 249 -12.62 10.88 -17.42
CA TYR C 249 -12.31 10.50 -18.81
C TYR C 249 -12.40 9.00 -19.08
N LEU C 250 -11.62 8.21 -18.35
CA LEU C 250 -11.54 6.77 -18.60
C LEU C 250 -12.89 6.06 -18.42
N GLN C 251 -13.60 6.41 -17.35
CA GLN C 251 -14.91 5.84 -17.09
C GLN C 251 -15.90 6.19 -18.19
N ARG C 252 -15.81 7.41 -18.71
CA ARG C 252 -16.66 7.83 -19.84
C ARG C 252 -16.32 7.09 -21.13
N VAL C 253 -15.02 6.87 -21.37
CA VAL C 253 -14.59 6.13 -22.57
C VAL C 253 -14.97 4.66 -22.50
N LEU C 254 -14.79 4.07 -21.31
CA LEU C 254 -14.99 2.63 -21.12
C LEU C 254 -15.98 2.34 -19.98
N PRO C 255 -17.25 2.78 -20.13
CA PRO C 255 -18.21 2.70 -19.04
C PRO C 255 -18.62 1.25 -18.73
N GLY C 256 -19.14 1.04 -17.53
CA GLY C 256 -19.73 -0.25 -17.12
C GLY C 256 -18.74 -1.39 -16.89
N GLN C 257 -17.47 -1.05 -16.66
CA GLN C 257 -16.45 -2.10 -16.49
C GLN C 257 -15.98 -2.25 -15.05
N GLN C 258 -15.23 -3.32 -14.78
CA GLN C 258 -14.58 -3.53 -13.47
C GLN C 258 -13.09 -3.25 -13.58
N TRP C 259 -12.51 -2.69 -12.51
CA TRP C 259 -11.12 -2.20 -12.53
C TRP C 259 -10.29 -2.64 -11.32
N1A COA D . 18.99 3.09 -13.87
C2A COA D . 19.87 4.08 -13.75
N3A COA D . 21.17 3.85 -13.66
C4A COA D . 21.63 2.58 -13.69
C5A COA D . 20.75 1.51 -13.83
C6A COA D . 19.39 1.81 -13.92
N6A COA D . 18.50 0.84 -14.06
N7A COA D . 21.47 0.39 -13.84
C8A COA D . 22.76 0.73 -13.70
N9A COA D . 22.85 2.06 -13.62
C1B COA D . 24.08 2.88 -13.49
C2B COA D . 24.93 2.57 -12.27
O2B COA D . 24.45 3.30 -11.12
C3B COA D . 26.31 3.03 -12.75
O3B COA D . 26.42 4.45 -12.76
P3B COA D . 27.16 5.22 -11.55
O7A COA D . 28.50 4.65 -11.25
O8A COA D . 27.22 6.77 -11.98
O9A COA D . 26.10 5.14 -10.32
C4B COA D . 26.32 2.55 -14.21
O4B COA D . 24.92 2.54 -14.64
C5B COA D . 26.99 1.16 -14.43
O5B COA D . 26.26 0.10 -13.77
P1A COA D . 26.88 -0.74 -12.50
O1A COA D . 28.37 -0.76 -12.57
O2A COA D . 26.22 -2.19 -12.58
O3A COA D . 26.37 0.02 -11.19
P2A COA D . 25.80 -0.79 -9.93
O4A COA D . 26.68 -1.91 -9.53
O5A COA D . 25.64 0.32 -8.77
O6A COA D . 24.32 -1.13 -10.50
CBP COA D . 22.21 -1.72 -9.47
CCP COA D . 23.55 -2.18 -10.05
CDP COA D . 21.49 -0.69 -10.33
CEP COA D . 21.38 -2.97 -9.38
CAP COA D . 22.50 -1.07 -8.08
OAP COA D . 22.85 0.32 -8.21
C9P COA D . 21.35 -1.22 -7.07
O9P COA D . 20.98 -2.32 -6.68
N8P COA D . 20.85 -0.05 -6.65
C7P COA D . 19.77 0.08 -5.67
C6P COA D . 18.41 -0.20 -6.32
C5P COA D . 17.76 1.05 -6.92
O5P COA D . 18.40 2.08 -7.19
N4P COA D . 16.44 0.88 -7.14
C3P COA D . 15.56 1.92 -7.72
C2P COA D . 14.16 1.33 -7.93
S1P COA D . 12.98 1.90 -6.67
C1 GOL E . 21.17 -9.46 -21.83
O1 GOL E . 20.18 -9.51 -22.83
C2 GOL E . 21.13 -10.75 -21.03
O2 GOL E . 21.93 -11.70 -21.70
C3 GOL E . 21.69 -10.53 -19.64
O3 GOL E . 20.68 -10.57 -18.65
C1 GOL F . 31.38 7.97 -11.31
O1 GOL F . 31.86 7.05 -12.27
C2 GOL F . 30.20 7.38 -10.55
O2 GOL F . 30.45 6.04 -10.21
C3 GOL F . 29.88 8.20 -9.30
O3 GOL F . 31.05 8.54 -8.57
C1 GOL G . 16.92 26.17 -0.47
O1 GOL G . 16.25 26.77 -1.55
C2 GOL G . 16.14 26.44 0.80
O2 GOL G . 15.83 25.22 1.42
C3 GOL G . 16.98 27.33 1.71
O3 GOL G . 16.34 27.46 2.97
C1 GOL H . -13.53 -24.12 11.91
O1 GOL H . -14.11 -24.68 10.76
C2 GOL H . -12.11 -24.66 12.05
O2 GOL H . -12.02 -25.87 11.36
C3 GOL H . -11.11 -23.68 11.43
O3 GOL H . -11.22 -22.38 11.97
C1 GOL I . -19.63 3.90 -14.81
O1 GOL I . -19.78 3.56 -16.16
C2 GOL I . -19.88 2.75 -13.85
O2 GOL I . -19.75 1.48 -14.49
C3 GOL I . -18.86 2.86 -12.72
O3 GOL I . -18.86 1.70 -11.93
C1 GOL J . -24.40 20.29 3.85
O1 GOL J . -25.49 21.01 3.34
C2 GOL J . -23.23 21.26 3.88
O2 GOL J . -23.13 21.83 5.17
C3 GOL J . -21.99 20.49 3.52
O3 GOL J . -21.66 20.70 2.18
C1 GOL K . -0.91 22.01 -9.99
O1 GOL K . -2.25 21.58 -10.13
C2 GOL K . -0.59 22.27 -8.52
O2 GOL K . 0.58 21.55 -8.17
C3 GOL K . -0.33 23.77 -8.35
O3 GOL K . 0.68 24.01 -7.41
#